data_9EZD
#
_entry.id   9EZD
#
_cell.length_a   98.213
_cell.length_b   130.419
_cell.length_c   62.542
_cell.angle_alpha   90
_cell.angle_beta   90
_cell.angle_gamma   90
#
_symmetry.space_group_name_H-M   'P 21 21 2'
#
loop_
_entity.id
_entity.type
_entity.pdbx_description
1 polymer BsmI
2 polymer "DNA (Bottom strand - 5'-part)"
3 polymer 'DNA (Top strand)'
4 polymer "DNA (Bottom strand - 3'-part)"
5 non-polymer 'MAGNESIUM ION'
6 non-polymer 'CHLORIDE ION'
7 non-polymer '2-(N-MORPHOLINO)-ETHANESULFONIC ACID'
8 water water
#
loop_
_entity_poly.entity_id
_entity_poly.type
_entity_poly.pdbx_seq_one_letter_code
_entity_poly.pdbx_strand_id
1 'polypeptide(L)'
;MNVFRIHGDNIIECERVIDLILSKINPQKVKRGFISLSCPFIEIIFKEGHDYFHWRFDMFPGFNKNTNDRWNSNILDLLS
QKGSFLYETPDVIITSLNNGKEEILMAIEFCSALQAGNQAWQRSGRAYSVGRTGYPYIYIVDFVKYELNNSDRSRKNLRF
PNPAIPYSYISHSKNTGNFIVQAYFRGEEYQPKYDKKLKFFDETIFAEDDIADYIIAKLQHRDTSNIEQLLINKNLKMVE
FLSKNTKNDNNFTYSEWESIYNGTYRITNLPSLGRFKFRKKIAEKSLSGKVKEFNNIVQRYSVGLASSDLPFGVIRKESR
NDFINDVCKLYNINDMKIIKELKEDADLIVCMLKGFKPRGDDNRPDRGALPLVAMLAGENAQIFTFIYGPLIKGAINLID
QDINKLAKRNGLWKSFVSLSDFIVLDCPIIGESYNEFRLIINKNNKESILRKTSKQQNILVDPTPNHYQENDVDTVIYSI
FKYIVPNCFSGMCNPPGGDWSGLSIIDNVHEFRWLSLPRVSENGKRPDHVIQILDLFEKPLLLSIVSKEKPNDLEPKIGV
QLIKYIEYLFDFTPSVQRKIAGGNWEFGNKSLVPNDFILLSAGAFIDYDNLTENDYEKIFEVTGCDLLIAIKNQNNPQKW
VIKFKPKNTIAEKLVNYIKLNFKSNIFDTGFFHIEG
;
A
2 'polydeoxyribonucleotide' (DC)(DA)(DT)(DT)(DC)(DC)(DT)(DC) E
3 'polydeoxyribonucleotide' (DG)(DA)(DG)(DG)(DA)(DA)(DT)(DG)(DC)(DA)(DG)(DA)(DC) F
4 'polydeoxyribonucleotide' (DG)(DT)(DC)(DT)(DG) G
#
# COMPACT_ATOMS: atom_id res chain seq x y z
N MET A 1 -18.40 0.72 -27.14
CA MET A 1 -18.15 0.57 -25.72
C MET A 1 -16.71 0.18 -25.46
N ASN A 2 -16.14 0.68 -24.37
CA ASN A 2 -14.81 0.31 -23.95
C ASN A 2 -14.90 -0.39 -22.61
N VAL A 3 -14.17 -1.50 -22.46
CA VAL A 3 -14.20 -2.25 -21.22
C VAL A 3 -12.86 -2.13 -20.53
N PHE A 4 -12.88 -1.84 -19.23
CA PHE A 4 -11.69 -1.73 -18.38
C PHE A 4 -11.80 -2.70 -17.24
N ARG A 5 -10.66 -3.19 -16.76
CA ARG A 5 -10.65 -4.08 -15.62
C ARG A 5 -9.90 -3.48 -14.47
N ILE A 6 -10.45 -3.58 -13.27
CA ILE A 6 -9.80 -3.04 -12.09
C ILE A 6 -9.36 -4.24 -11.28
N HIS A 7 -8.07 -4.56 -11.28
CA HIS A 7 -7.54 -5.67 -10.51
C HIS A 7 -7.08 -5.11 -9.19
N GLY A 8 -7.69 -5.50 -8.08
CA GLY A 8 -7.32 -4.96 -6.77
C GLY A 8 -7.06 -6.00 -5.72
N ASP A 9 -6.53 -5.60 -4.53
CA ASP A 9 -6.32 -6.56 -3.45
C ASP A 9 -7.66 -6.99 -2.82
N ASN A 10 -8.68 -6.14 -2.85
CA ASN A 10 -10.03 -6.44 -2.39
C ASN A 10 -11.08 -5.53 -3.07
N ILE A 11 -12.39 -5.82 -2.89
CA ILE A 11 -13.45 -5.04 -3.53
C ILE A 11 -13.45 -3.57 -3.10
N ILE A 12 -13.03 -3.29 -1.86
CA ILE A 12 -12.99 -1.92 -1.38
C ILE A 12 -11.98 -1.11 -2.18
N GLU A 13 -10.81 -1.70 -2.48
CA GLU A 13 -9.77 -1.04 -3.26
C GLU A 13 -10.25 -0.76 -4.68
N CYS A 14 -10.98 -1.74 -5.26
CA CYS A 14 -11.55 -1.63 -6.61
C CYS A 14 -12.57 -0.52 -6.64
N GLU A 15 -13.44 -0.45 -5.63
CA GLU A 15 -14.45 0.60 -5.56
C GLU A 15 -13.87 1.98 -5.34
N ARG A 16 -12.70 2.11 -4.70
CA ARG A 16 -12.06 3.41 -4.49
C ARG A 16 -11.73 4.05 -5.83
N VAL A 17 -11.32 3.26 -6.83
CA VAL A 17 -11.02 3.75 -8.17
C VAL A 17 -12.28 4.24 -8.86
N ILE A 18 -13.38 3.48 -8.71
CA ILE A 18 -14.67 3.86 -9.28
C ILE A 18 -15.16 5.15 -8.66
N ASP A 19 -15.00 5.32 -7.34
CA ASP A 19 -15.39 6.54 -6.63
C ASP A 19 -14.61 7.75 -7.13
N LEU A 20 -13.32 7.58 -7.48
CA LEU A 20 -12.48 8.64 -8.02
C LEU A 20 -13.03 9.11 -9.37
N ILE A 21 -13.38 8.16 -10.25
CA ILE A 21 -13.95 8.42 -11.57
C ILE A 21 -15.32 9.11 -11.41
N LEU A 22 -16.22 8.52 -10.59
CA LEU A 22 -17.56 9.04 -10.35
C LEU A 22 -17.62 10.39 -9.66
N SER A 23 -16.53 10.79 -9.01
CA SER A 23 -16.46 12.09 -8.36
C SER A 23 -16.40 13.23 -9.39
N LYS A 24 -15.92 12.95 -10.62
CA LYS A 24 -15.84 13.97 -11.66
C LYS A 24 -16.89 13.70 -12.76
N ILE A 25 -17.10 12.41 -13.08
CA ILE A 25 -18.08 11.95 -14.07
C ILE A 25 -19.46 11.92 -13.44
N ASN A 26 -20.42 12.63 -14.04
CA ASN A 26 -21.79 12.58 -13.56
C ASN A 26 -22.54 11.77 -14.61
N PRO A 27 -22.71 10.46 -14.36
CA PRO A 27 -23.30 9.60 -15.38
C PRO A 27 -24.80 9.72 -15.54
N GLN A 28 -25.26 9.50 -16.77
CA GLN A 28 -26.66 9.55 -17.14
C GLN A 28 -27.33 8.21 -16.80
N LYS A 29 -26.62 7.09 -17.05
CA LYS A 29 -27.13 5.75 -16.76
C LYS A 29 -26.03 4.95 -16.08
N VAL A 30 -26.33 4.32 -14.93
CA VAL A 30 -25.37 3.49 -14.20
C VAL A 30 -26.03 2.14 -13.93
N LYS A 31 -25.32 1.05 -14.21
CA LYS A 31 -25.85 -0.28 -13.99
C LYS A 31 -24.77 -1.10 -13.30
N ARG A 32 -25.12 -1.79 -12.22
CA ARG A 32 -24.17 -2.64 -11.51
C ARG A 32 -24.65 -4.10 -11.54
N GLY A 33 -23.72 -5.02 -11.30
CA GLY A 33 -24.04 -6.44 -11.29
C GLY A 33 -22.79 -7.28 -11.25
N PHE A 34 -22.85 -8.48 -11.83
CA PHE A 34 -21.67 -9.36 -11.89
C PHE A 34 -21.51 -9.88 -13.30
N ILE A 35 -20.27 -9.91 -13.80
CA ILE A 35 -19.99 -10.54 -15.09
C ILE A 35 -19.75 -12.07 -14.89
N SER A 36 -19.25 -12.44 -13.69
CA SER A 36 -18.97 -13.77 -13.19
C SER A 36 -19.21 -13.77 -11.66
N LEU A 37 -19.11 -14.90 -10.98
CA LEU A 37 -19.34 -15.00 -9.54
C LEU A 37 -18.34 -14.17 -8.75
N SER A 38 -17.10 -14.07 -9.24
CA SER A 38 -16.04 -13.31 -8.56
C SER A 38 -15.91 -11.86 -9.00
N CYS A 39 -16.44 -11.52 -10.17
CA CYS A 39 -16.25 -10.21 -10.73
C CYS A 39 -17.46 -9.35 -10.80
N PRO A 40 -17.59 -8.38 -9.88
CA PRO A 40 -18.67 -7.40 -10.04
C PRO A 40 -18.32 -6.41 -11.16
N PHE A 41 -19.31 -5.67 -11.62
CA PHE A 41 -19.09 -4.65 -12.62
C PHE A 41 -19.87 -3.38 -12.31
N ILE A 42 -19.45 -2.27 -12.96
CA ILE A 42 -20.19 -1.03 -13.00
C ILE A 42 -20.17 -0.58 -14.46
N GLU A 43 -21.34 -0.42 -15.06
CA GLU A 43 -21.45 0.00 -16.44
C GLU A 43 -22.00 1.43 -16.41
N ILE A 44 -21.30 2.36 -17.06
CA ILE A 44 -21.72 3.75 -17.06
C ILE A 44 -21.88 4.38 -18.46
N ILE A 45 -22.91 5.20 -18.61
CA ILE A 45 -23.14 5.97 -19.81
C ILE A 45 -23.04 7.40 -19.34
N PHE A 46 -22.09 8.17 -19.88
CA PHE A 46 -21.94 9.57 -19.50
C PHE A 46 -21.70 10.44 -20.73
N LYS A 47 -21.72 11.76 -20.57
CA LYS A 47 -21.52 12.64 -21.72
C LYS A 47 -20.67 13.86 -21.43
N GLU A 48 -19.95 14.30 -22.45
CA GLU A 48 -19.15 15.50 -22.38
C GLU A 48 -19.83 16.43 -23.34
N GLY A 49 -20.98 16.92 -22.90
CA GLY A 49 -21.81 17.80 -23.71
C GLY A 49 -22.59 16.94 -24.66
N HIS A 50 -22.26 17.00 -25.95
CA HIS A 50 -22.89 16.18 -26.96
C HIS A 50 -22.21 14.80 -27.15
N ASP A 51 -20.97 14.65 -26.66
CA ASP A 51 -20.20 13.41 -26.82
C ASP A 51 -20.53 12.34 -25.77
N TYR A 52 -21.26 11.29 -26.15
CA TYR A 52 -21.60 10.21 -25.22
C TYR A 52 -20.51 9.14 -25.14
N PHE A 53 -20.35 8.52 -23.97
CA PHE A 53 -19.36 7.48 -23.72
C PHE A 53 -19.99 6.32 -22.97
N HIS A 54 -19.59 5.10 -23.30
CA HIS A 54 -20.12 3.92 -22.67
C HIS A 54 -18.95 3.11 -22.19
N TRP A 55 -18.83 2.95 -20.88
CA TRP A 55 -17.72 2.20 -20.30
C TRP A 55 -18.24 1.13 -19.36
N ARG A 56 -17.49 0.03 -19.24
CA ARG A 56 -17.82 -1.00 -18.27
C ARG A 56 -16.56 -1.35 -17.52
N PHE A 57 -16.64 -1.36 -16.21
CA PHE A 57 -15.52 -1.67 -15.36
C PHE A 57 -15.76 -3.02 -14.70
N ASP A 58 -14.96 -4.02 -15.04
CA ASP A 58 -15.05 -5.36 -14.45
C ASP A 58 -14.01 -5.45 -13.34
N MET A 59 -14.45 -5.70 -12.11
CA MET A 59 -13.56 -5.74 -10.97
C MET A 59 -13.04 -7.14 -10.65
N PHE A 60 -11.73 -7.27 -10.41
CA PHE A 60 -11.08 -8.53 -10.10
C PHE A 60 -10.46 -8.47 -8.69
N PRO A 61 -11.25 -8.78 -7.67
CA PRO A 61 -10.74 -8.69 -6.30
C PRO A 61 -9.83 -9.84 -5.88
N GLY A 62 -8.71 -9.50 -5.25
CA GLY A 62 -7.73 -10.46 -4.74
C GLY A 62 -6.69 -10.86 -5.76
N PHE A 63 -5.43 -10.47 -5.54
CA PHE A 63 -4.34 -10.84 -6.45
C PHE A 63 -3.79 -12.24 -6.16
N ASN A 64 -3.11 -12.84 -7.15
CA ASN A 64 -2.46 -14.15 -6.98
C ASN A 64 -1.16 -14.00 -6.20
N LYS A 65 -0.76 -15.08 -5.52
CA LYS A 65 0.51 -15.14 -4.82
C LYS A 65 1.35 -16.12 -5.65
N ASN A 68 -1.07 -18.99 -10.96
CA ASN A 68 -2.37 -19.65 -11.08
C ASN A 68 -2.98 -20.04 -9.72
N ASP A 69 -2.61 -19.31 -8.66
CA ASP A 69 -3.04 -19.48 -7.27
C ASP A 69 -4.57 -19.26 -7.07
N ARG A 70 -5.10 -18.11 -7.50
CA ARG A 70 -6.51 -17.77 -7.42
C ARG A 70 -7.07 -17.69 -8.86
N TRP A 71 -6.60 -16.71 -9.65
CA TRP A 71 -7.00 -16.52 -11.05
C TRP A 71 -6.17 -17.41 -11.95
N ASN A 72 -6.74 -17.83 -13.11
CA ASN A 72 -6.09 -18.72 -14.08
C ASN A 72 -4.72 -18.19 -14.57
N SER A 73 -4.58 -16.87 -14.60
CA SER A 73 -3.35 -16.18 -14.97
C SER A 73 -3.19 -14.96 -14.08
N ASN A 74 -1.95 -14.54 -13.86
CA ASN A 74 -1.68 -13.41 -13.00
C ASN A 74 -1.53 -12.13 -13.78
N ILE A 75 -2.38 -11.12 -13.48
CA ILE A 75 -2.27 -9.82 -14.16
C ILE A 75 -0.92 -9.15 -13.84
N LEU A 76 -0.37 -9.38 -12.65
CA LEU A 76 0.93 -8.85 -12.28
C LEU A 76 2.08 -9.33 -13.17
N ASP A 77 1.84 -10.38 -13.99
CA ASP A 77 2.84 -10.88 -14.92
C ASP A 77 3.13 -9.83 -16.00
N LEU A 78 2.14 -9.00 -16.37
CA LEU A 78 2.37 -7.93 -17.33
C LEU A 78 3.40 -6.91 -16.82
N LEU A 79 3.52 -6.75 -15.48
CA LEU A 79 4.49 -5.86 -14.91
C LEU A 79 5.87 -6.50 -14.99
N SER A 80 6.01 -7.78 -14.59
CA SER A 80 7.31 -8.45 -14.65
C SER A 80 7.82 -8.63 -16.08
N GLN A 81 6.91 -8.65 -17.08
CA GLN A 81 7.30 -8.72 -18.50
C GLN A 81 7.97 -7.41 -18.94
N LYS A 82 7.67 -6.27 -18.28
CA LYS A 82 8.23 -4.97 -18.63
C LYS A 82 9.36 -4.51 -17.71
N GLY A 83 9.89 -5.38 -16.87
CA GLY A 83 11.00 -5.02 -15.99
C GLY A 83 10.71 -4.85 -14.52
N SER A 84 9.48 -5.13 -14.07
CA SER A 84 9.19 -5.06 -12.64
C SER A 84 9.72 -6.35 -12.01
N PHE A 85 11.03 -6.40 -11.68
CA PHE A 85 11.66 -7.61 -11.14
C PHE A 85 11.51 -7.80 -9.63
N LEU A 86 10.98 -6.80 -8.91
CA LEU A 86 10.75 -6.98 -7.48
C LEU A 86 9.38 -7.62 -7.29
N TYR A 87 9.19 -8.39 -6.20
CA TYR A 87 7.89 -8.98 -5.91
C TYR A 87 7.05 -7.88 -5.26
N GLU A 88 6.54 -6.96 -6.10
CA GLU A 88 5.78 -5.83 -5.64
C GLU A 88 4.41 -5.77 -6.24
N THR A 89 3.41 -5.74 -5.37
CA THR A 89 2.01 -5.72 -5.74
C THR A 89 1.40 -4.38 -5.36
N PRO A 90 0.97 -3.58 -6.36
CA PRO A 90 0.28 -2.33 -6.03
C PRO A 90 -1.15 -2.63 -5.52
N ASP A 91 -1.85 -1.61 -5.02
CA ASP A 91 -3.20 -1.84 -4.52
C ASP A 91 -4.20 -2.09 -5.65
N VAL A 92 -4.03 -1.39 -6.79
CA VAL A 92 -4.90 -1.51 -7.96
C VAL A 92 -4.09 -1.43 -9.27
N ILE A 93 -4.54 -2.16 -10.30
CA ILE A 93 -4.01 -2.12 -11.67
C ILE A 93 -5.23 -1.90 -12.55
N ILE A 94 -5.25 -0.80 -13.33
CA ILE A 94 -6.37 -0.55 -14.22
C ILE A 94 -5.93 -0.97 -15.60
N THR A 95 -6.66 -1.88 -16.24
CA THR A 95 -6.31 -2.31 -17.59
C THR A 95 -7.40 -1.92 -18.62
N SER A 96 -7.02 -1.92 -19.89
CA SER A 96 -7.92 -1.66 -20.97
C SER A 96 -8.01 -2.95 -21.76
N LEU A 97 -9.24 -3.38 -22.09
CA LEU A 97 -9.43 -4.57 -22.90
C LEU A 97 -9.42 -4.14 -24.35
N ASN A 98 -8.46 -4.64 -25.11
CA ASN A 98 -8.34 -4.31 -26.53
C ASN A 98 -7.77 -5.51 -27.28
N ASN A 99 -8.40 -5.86 -28.39
CA ASN A 99 -7.99 -6.98 -29.24
C ASN A 99 -7.93 -8.31 -28.48
N GLY A 100 -8.88 -8.52 -27.58
CA GLY A 100 -9.00 -9.76 -26.80
C GLY A 100 -7.95 -10.00 -25.74
N LYS A 101 -7.24 -8.94 -25.32
CA LYS A 101 -6.18 -9.02 -24.31
C LYS A 101 -6.18 -7.77 -23.40
N GLU A 102 -5.49 -7.82 -22.26
CA GLU A 102 -5.41 -6.66 -21.36
C GLU A 102 -4.14 -5.87 -21.54
N GLU A 103 -4.23 -4.55 -21.41
CA GLU A 103 -3.07 -3.71 -21.47
C GLU A 103 -3.13 -2.78 -20.26
N ILE A 104 -2.06 -2.70 -19.47
CA ILE A 104 -2.04 -1.85 -18.27
C ILE A 104 -2.06 -0.37 -18.59
N LEU A 105 -2.99 0.37 -17.96
CA LEU A 105 -3.12 1.81 -18.11
C LEU A 105 -2.34 2.52 -17.01
N MET A 106 -2.47 2.03 -15.77
CA MET A 106 -1.78 2.58 -14.62
C MET A 106 -1.85 1.64 -13.40
N ALA A 107 -0.97 1.87 -12.44
CA ALA A 107 -0.94 1.18 -11.18
C ALA A 107 -1.21 2.24 -10.10
N ILE A 108 -2.06 1.92 -9.12
CA ILE A 108 -2.38 2.86 -8.05
C ILE A 108 -2.16 2.21 -6.69
N GLU A 109 -1.53 2.94 -5.77
CA GLU A 109 -1.31 2.46 -4.40
C GLU A 109 -1.91 3.48 -3.47
N PHE A 110 -2.73 3.03 -2.52
CA PHE A 110 -3.36 3.91 -1.56
C PHE A 110 -2.66 3.78 -0.23
N CYS A 111 -2.34 4.90 0.39
CA CYS A 111 -1.68 4.95 1.68
C CYS A 111 -2.51 5.78 2.63
N SER A 112 -2.84 5.22 3.80
CA SER A 112 -3.69 5.87 4.79
C SER A 112 -3.08 7.06 5.48
N ALA A 113 -1.74 7.14 5.51
CA ALA A 113 -1.07 8.25 6.19
C ALA A 113 0.27 8.58 5.55
N LEU A 114 0.71 9.85 5.68
CA LEU A 114 2.03 10.22 5.19
C LEU A 114 3.02 9.64 6.19
N GLN A 115 3.55 8.45 5.90
CA GLN A 115 4.47 7.77 6.81
C GLN A 115 5.80 8.50 6.95
N ALA A 116 6.47 8.30 8.09
CA ALA A 116 7.72 8.97 8.40
C ALA A 116 8.82 7.98 8.87
N GLY A 117 10.09 8.42 8.91
CA GLY A 117 11.20 7.57 9.30
C GLY A 117 11.47 6.56 8.22
N ASN A 118 11.89 5.34 8.59
CA ASN A 118 12.11 4.31 7.57
C ASN A 118 10.79 3.73 7.05
N GLN A 119 9.66 3.98 7.73
CA GLN A 119 8.36 3.55 7.24
C GLN A 119 8.00 4.28 5.93
N ALA A 120 8.55 5.50 5.70
CA ALA A 120 8.34 6.32 4.50
C ALA A 120 8.85 5.62 3.24
N TRP A 121 9.98 4.91 3.35
CA TRP A 121 10.52 4.21 2.19
C TRP A 121 10.31 2.70 2.20
N GLN A 122 9.60 2.16 3.19
CA GLN A 122 9.33 0.73 3.35
C GLN A 122 8.73 0.13 2.07
N ARG A 123 7.82 0.89 1.42
CA ARG A 123 7.13 0.52 0.18
C ARG A 123 7.67 1.23 -1.07
N SER A 124 8.92 1.71 -1.02
CA SER A 124 9.54 2.35 -2.18
C SER A 124 9.91 1.35 -3.29
N GLY A 125 10.01 0.07 -2.94
CA GLY A 125 10.28 -0.99 -3.90
C GLY A 125 9.19 -1.08 -4.95
N ARG A 126 7.93 -0.86 -4.53
CA ARG A 126 6.77 -0.87 -5.40
C ARG A 126 6.92 0.23 -6.45
N ALA A 127 7.19 1.48 -6.01
CA ALA A 127 7.33 2.60 -6.92
C ALA A 127 8.52 2.44 -7.82
N TYR A 128 9.63 1.90 -7.31
CA TYR A 128 10.82 1.72 -8.11
C TYR A 128 10.56 0.69 -9.20
N SER A 129 10.11 -0.51 -8.80
CA SER A 129 9.88 -1.64 -9.68
C SER A 129 8.79 -1.36 -10.71
N VAL A 130 7.62 -0.86 -10.29
CA VAL A 130 6.54 -0.55 -11.23
C VAL A 130 6.92 0.65 -12.12
N GLY A 131 7.63 1.61 -11.54
CA GLY A 131 8.07 2.79 -12.27
C GLY A 131 9.02 2.52 -13.42
N ARG A 132 9.87 1.48 -13.32
CA ARG A 132 10.80 1.18 -14.42
C ARG A 132 10.18 0.37 -15.57
N THR A 133 8.87 0.08 -15.49
CA THR A 133 8.16 -0.65 -16.54
C THR A 133 7.65 0.23 -17.67
N GLY A 134 7.41 1.51 -17.41
CA GLY A 134 6.81 2.39 -18.40
C GLY A 134 5.32 2.62 -18.14
N TYR A 135 4.73 1.83 -17.19
CA TYR A 135 3.34 1.95 -16.76
C TYR A 135 3.29 2.93 -15.59
N PRO A 136 2.41 3.94 -15.68
CA PRO A 136 2.34 4.94 -14.60
C PRO A 136 2.07 4.37 -13.22
N TYR A 137 2.67 4.99 -12.23
CA TYR A 137 2.51 4.58 -10.85
C TYR A 137 2.05 5.78 -10.05
N ILE A 138 0.84 5.69 -9.50
CA ILE A 138 0.26 6.79 -8.74
C ILE A 138 0.17 6.38 -7.28
N TYR A 139 0.89 7.07 -6.40
CA TYR A 139 0.88 6.78 -4.99
C TYR A 139 0.01 7.84 -4.33
N ILE A 140 -1.19 7.47 -3.87
CA ILE A 140 -2.13 8.41 -3.27
C ILE A 140 -2.12 8.31 -1.77
N VAL A 141 -1.69 9.37 -1.07
CA VAL A 141 -1.56 9.34 0.39
C VAL A 141 -2.46 10.38 1.08
N ASP A 142 -3.00 10.02 2.26
CA ASP A 142 -3.85 10.94 3.01
C ASP A 142 -2.98 11.84 3.85
N PHE A 143 -3.12 13.15 3.69
CA PHE A 143 -2.35 14.13 4.44
C PHE A 143 -3.37 14.94 5.23
N VAL A 144 -3.41 14.84 6.58
CA VAL A 144 -2.58 14.00 7.44
C VAL A 144 -3.48 13.07 8.28
N LYS A 145 -2.89 12.04 8.89
CA LYS A 145 -3.58 11.13 9.79
C LYS A 145 -2.67 11.03 11.01
N TYR A 146 -3.20 11.35 12.20
CA TYR A 146 -2.39 11.29 13.41
C TYR A 146 -2.23 9.89 13.89
N GLU A 147 -1.04 9.56 14.35
CA GLU A 147 -0.79 8.27 14.97
C GLU A 147 -1.39 8.36 16.38
N LEU A 148 -1.98 7.28 16.87
CA LEU A 148 -2.61 7.30 18.18
C LEU A 148 -1.94 6.37 19.19
N ASN A 149 -2.09 6.70 20.47
CA ASN A 149 -1.69 5.80 21.54
C ASN A 149 -2.94 4.95 21.67
N ASN A 150 -2.91 3.68 21.22
CA ASN A 150 -4.09 2.81 21.20
C ASN A 150 -4.74 2.54 22.57
N SER A 151 -4.05 2.89 23.65
CA SER A 151 -4.57 2.70 25.00
C SER A 151 -5.72 3.69 25.26
N ASP A 152 -5.55 4.97 24.85
CA ASP A 152 -6.58 6.00 25.10
C ASP A 152 -6.97 6.83 23.88
N ARG A 153 -6.59 6.41 22.67
CA ARG A 153 -6.85 7.12 21.41
C ARG A 153 -6.37 8.58 21.40
N SER A 154 -5.38 8.94 22.22
CA SER A 154 -4.84 10.29 22.22
C SER A 154 -3.86 10.43 21.06
N ARG A 155 -3.81 11.61 20.44
CA ARG A 155 -2.93 11.84 19.29
C ARG A 155 -1.47 12.09 19.61
N LYS A 156 -0.60 11.48 18.80
CA LYS A 156 0.85 11.66 18.86
C LYS A 156 1.25 12.82 17.92
N ASN A 157 2.40 13.45 18.15
CA ASN A 157 2.86 14.55 17.29
C ASN A 157 3.03 14.09 15.85
N LEU A 158 2.71 14.98 14.90
CA LEU A 158 2.83 14.69 13.48
C LEU A 158 4.25 14.33 13.10
N ARG A 159 4.36 13.31 12.27
CA ARG A 159 5.65 12.87 11.78
C ARG A 159 5.67 13.02 10.27
N PHE A 160 6.77 13.54 9.73
CA PHE A 160 6.89 13.77 8.30
C PHE A 160 8.04 13.01 7.70
N PRO A 161 7.88 12.56 6.45
CA PRO A 161 8.99 11.88 5.79
C PRO A 161 10.11 12.85 5.43
N ASN A 162 11.31 12.31 5.20
CA ASN A 162 12.45 13.11 4.74
C ASN A 162 12.11 13.66 3.35
N PRO A 163 12.43 14.94 3.04
CA PRO A 163 12.09 15.49 1.73
C PRO A 163 12.58 14.67 0.54
N ALA A 164 13.59 13.82 0.75
CA ALA A 164 14.11 12.96 -0.30
C ALA A 164 13.10 11.91 -0.75
N ILE A 165 12.19 11.48 0.15
CA ILE A 165 11.20 10.45 -0.21
C ILE A 165 10.21 10.95 -1.27
N PRO A 166 9.44 12.04 -1.03
CA PRO A 166 8.58 12.56 -2.08
C PRO A 166 9.36 12.94 -3.34
N TYR A 167 10.61 13.44 -3.17
CA TYR A 167 11.43 13.81 -4.33
C TYR A 167 11.83 12.61 -5.17
N SER A 168 12.04 11.44 -4.55
CA SER A 168 12.42 10.23 -5.27
C SER A 168 11.45 9.86 -6.38
N TYR A 169 10.17 10.18 -6.20
CA TYR A 169 9.15 9.90 -7.21
C TYR A 169 9.39 10.77 -8.44
N ILE A 170 9.71 12.07 -8.23
CA ILE A 170 10.01 12.99 -9.31
C ILE A 170 11.27 12.57 -10.04
N SER A 171 12.34 12.23 -9.30
CA SER A 171 13.60 11.82 -9.94
C SER A 171 13.46 10.55 -10.71
N HIS A 172 12.67 9.60 -10.20
CA HIS A 172 12.42 8.35 -10.89
C HIS A 172 11.66 8.62 -12.19
N SER A 173 10.71 9.58 -12.16
CA SER A 173 9.95 9.99 -13.35
C SER A 173 10.90 10.53 -14.41
N LYS A 174 11.85 11.40 -14.02
CA LYS A 174 12.81 11.98 -14.94
C LYS A 174 13.70 10.88 -15.52
N ASN A 175 14.28 10.02 -14.67
CA ASN A 175 15.18 8.94 -15.13
C ASN A 175 14.53 7.96 -16.11
N THR A 176 13.32 7.51 -15.78
CA THR A 176 12.63 6.50 -16.54
C THR A 176 11.81 6.99 -17.70
N GLY A 177 11.50 8.29 -17.74
CA GLY A 177 10.60 8.81 -18.76
C GLY A 177 9.15 8.38 -18.52
N ASN A 178 8.87 7.79 -17.34
CA ASN A 178 7.56 7.31 -16.93
C ASN A 178 6.95 8.26 -15.89
N PHE A 179 5.64 8.15 -15.68
CA PHE A 179 4.92 8.99 -14.72
C PHE A 179 4.78 8.28 -13.39
N ILE A 180 5.65 8.63 -12.43
CA ILE A 180 5.65 8.09 -11.08
C ILE A 180 5.47 9.29 -10.17
N VAL A 181 4.37 9.35 -9.43
CA VAL A 181 4.09 10.52 -8.62
C VAL A 181 3.44 10.19 -7.30
N GLN A 182 3.68 11.06 -6.33
CA GLN A 182 3.04 10.97 -5.04
C GLN A 182 2.00 12.09 -5.03
N ALA A 183 0.73 11.72 -4.80
CA ALA A 183 -0.38 12.65 -4.78
C ALA A 183 -0.97 12.67 -3.39
N TYR A 184 -1.33 13.86 -2.91
CA TYR A 184 -1.83 13.99 -1.55
C TYR A 184 -3.29 14.37 -1.53
N PHE A 185 -4.06 13.60 -0.79
CA PHE A 185 -5.47 13.84 -0.63
C PHE A 185 -5.67 14.41 0.75
N ARG A 186 -6.57 15.37 0.88
CA ARG A 186 -6.89 16.00 2.15
C ARG A 186 -7.55 15.00 3.09
N GLY A 187 -6.80 14.62 4.11
CA GLY A 187 -7.30 13.71 5.13
C GLY A 187 -8.27 14.43 6.04
N GLU A 188 -9.13 13.67 6.70
CA GLU A 188 -10.10 14.24 7.63
C GLU A 188 -9.39 14.92 8.81
N GLU A 189 -8.21 14.40 9.22
CA GLU A 189 -7.47 15.01 10.32
C GLU A 189 -6.52 16.15 9.88
N TYR A 190 -6.66 16.67 8.65
CA TYR A 190 -5.89 17.84 8.23
C TYR A 190 -6.60 19.03 8.88
N GLN A 191 -6.06 19.53 9.99
CA GLN A 191 -6.66 20.64 10.70
C GLN A 191 -5.60 21.71 10.96
N PRO A 192 -5.34 22.58 9.96
CA PRO A 192 -4.26 23.58 10.12
C PRO A 192 -4.51 24.66 11.17
N LYS A 193 -5.78 24.95 11.52
CA LYS A 193 -6.11 25.92 12.55
C LYS A 193 -5.65 25.44 13.95
N TYR A 194 -5.45 24.12 14.14
CA TYR A 194 -5.09 23.55 15.42
C TYR A 194 -3.68 22.96 15.48
N ASP A 195 -3.02 22.74 14.33
CA ASP A 195 -1.66 22.21 14.36
C ASP A 195 -0.68 23.18 13.73
N LYS A 196 0.28 23.64 14.52
CA LYS A 196 1.31 24.59 14.16
C LYS A 196 2.27 24.04 13.09
N LYS A 197 2.42 22.70 13.00
CA LYS A 197 3.29 22.07 12.00
C LYS A 197 2.80 22.28 10.58
N LEU A 198 1.48 22.45 10.40
CA LEU A 198 0.84 22.67 9.10
C LEU A 198 0.64 24.16 8.75
N LYS A 199 1.22 25.08 9.54
CA LYS A 199 1.06 26.52 9.28
C LYS A 199 1.55 26.89 7.88
N PHE A 200 2.62 26.25 7.42
CA PHE A 200 3.17 26.56 6.11
C PHE A 200 2.86 25.53 5.05
N PHE A 201 1.73 24.83 5.17
CA PHE A 201 1.32 23.88 4.15
C PHE A 201 0.49 24.61 3.09
N ASP A 202 0.85 24.41 1.81
CA ASP A 202 0.12 25.01 0.69
C ASP A 202 -0.99 24.06 0.30
N GLU A 203 -2.26 24.46 0.50
CA GLU A 203 -3.38 23.59 0.17
C GLU A 203 -3.52 23.28 -1.30
N THR A 204 -2.78 23.99 -2.19
CA THR A 204 -2.81 23.67 -3.61
C THR A 204 -2.12 22.32 -3.92
N ILE A 205 -1.38 21.75 -2.95
CA ILE A 205 -0.72 20.45 -3.04
C ILE A 205 -1.77 19.34 -3.13
N PHE A 206 -2.97 19.51 -2.52
CA PHE A 206 -4.03 18.49 -2.61
C PHE A 206 -4.39 18.20 -4.06
N ALA A 207 -4.48 16.92 -4.42
CA ALA A 207 -4.69 16.51 -5.80
C ALA A 207 -5.95 15.71 -6.10
N GLU A 208 -7.03 15.85 -5.28
CA GLU A 208 -8.25 15.07 -5.53
C GLU A 208 -8.82 15.25 -6.94
N ASP A 209 -9.00 16.51 -7.36
CA ASP A 209 -9.55 16.77 -8.68
C ASP A 209 -8.58 16.40 -9.77
N ASP A 210 -7.29 16.67 -9.59
CA ASP A 210 -6.26 16.35 -10.59
C ASP A 210 -6.10 14.88 -10.86
N ILE A 211 -6.21 14.02 -9.82
CA ILE A 211 -6.08 12.57 -9.97
C ILE A 211 -7.25 12.02 -10.76
N ALA A 212 -8.46 12.48 -10.43
CA ALA A 212 -9.67 12.06 -11.15
C ALA A 212 -9.56 12.48 -12.61
N ASP A 213 -9.09 13.72 -12.87
CA ASP A 213 -8.91 14.24 -14.23
C ASP A 213 -7.90 13.41 -15.01
N TYR A 214 -6.82 12.98 -14.34
CA TYR A 214 -5.78 12.15 -14.95
C TYR A 214 -6.34 10.80 -15.33
N ILE A 215 -7.01 10.11 -14.39
CA ILE A 215 -7.57 8.79 -14.62
C ILE A 215 -8.54 8.79 -15.77
N ILE A 216 -9.49 9.74 -15.77
CA ILE A 216 -10.47 9.87 -16.84
C ILE A 216 -9.79 10.13 -18.18
N ALA A 217 -8.77 11.04 -18.23
CA ALA A 217 -8.04 11.31 -19.45
C ALA A 217 -7.30 10.07 -20.00
N LYS A 218 -6.74 9.21 -19.12
CA LYS A 218 -6.06 7.97 -19.55
C LYS A 218 -7.09 6.98 -20.09
N LEU A 219 -8.24 6.86 -19.42
CA LEU A 219 -9.34 6.01 -19.88
C LEU A 219 -9.86 6.48 -21.25
N GLN A 220 -9.87 7.80 -21.50
CA GLN A 220 -10.29 8.40 -22.76
C GLN A 220 -9.20 8.42 -23.83
N HIS A 221 -8.01 7.85 -23.57
CA HIS A 221 -6.86 7.85 -24.47
C HIS A 221 -6.49 9.28 -24.88
N ARG A 222 -6.47 10.17 -23.90
CA ARG A 222 -6.15 11.56 -24.14
C ARG A 222 -4.76 11.94 -23.70
N ASP A 223 -4.27 13.07 -24.20
CA ASP A 223 -2.93 13.54 -23.86
C ASP A 223 -2.92 14.00 -22.40
N THR A 224 -2.12 13.33 -21.58
CA THR A 224 -2.05 13.64 -20.17
C THR A 224 -0.84 14.49 -19.77
N SER A 225 -0.01 14.97 -20.74
CA SER A 225 1.18 15.76 -20.43
C SER A 225 0.94 16.92 -19.48
N ASN A 226 -0.12 17.70 -19.72
CA ASN A 226 -0.45 18.85 -18.88
C ASN A 226 -0.96 18.45 -17.50
N ILE A 227 -1.76 17.39 -17.41
CA ILE A 227 -2.25 16.91 -16.12
C ILE A 227 -1.06 16.36 -15.30
N GLU A 228 -0.14 15.63 -15.96
CA GLU A 228 1.04 15.06 -15.34
C GLU A 228 1.90 16.15 -14.75
N GLN A 229 2.09 17.26 -15.50
CA GLN A 229 2.89 18.37 -15.02
C GLN A 229 2.32 19.05 -13.78
N LEU A 230 0.99 19.16 -13.69
CA LEU A 230 0.35 19.72 -12.51
C LEU A 230 0.62 18.85 -11.29
N LEU A 231 0.50 17.53 -11.46
CA LEU A 231 0.73 16.56 -10.39
C LEU A 231 2.22 16.53 -9.95
N ILE A 232 3.15 16.68 -10.91
CA ILE A 232 4.58 16.72 -10.62
C ILE A 232 4.89 17.97 -9.82
N ASN A 233 4.31 19.12 -10.24
CA ASN A 233 4.49 20.39 -9.54
C ASN A 233 4.01 20.30 -8.08
N LYS A 234 2.90 19.59 -7.82
CA LYS A 234 2.36 19.40 -6.47
C LYS A 234 3.29 18.53 -5.62
N ASN A 235 3.87 17.49 -6.24
CA ASN A 235 4.84 16.60 -5.61
C ASN A 235 6.09 17.43 -5.22
N LEU A 236 6.50 18.38 -6.09
CA LEU A 236 7.63 19.25 -5.85
C LEU A 236 7.33 20.25 -4.76
N LYS A 237 6.09 20.73 -4.68
CA LYS A 237 5.68 21.65 -3.61
C LYS A 237 5.71 20.92 -2.25
N MET A 238 5.46 19.59 -2.22
CA MET A 238 5.58 18.83 -0.98
C MET A 238 7.06 18.78 -0.50
N VAL A 239 7.99 18.63 -1.46
CA VAL A 239 9.43 18.68 -1.23
C VAL A 239 9.80 20.06 -0.67
N GLU A 240 9.17 21.14 -1.17
CA GLU A 240 9.42 22.48 -0.69
C GLU A 240 8.89 22.63 0.72
N PHE A 241 7.68 22.14 0.99
CA PHE A 241 7.08 22.22 2.31
C PHE A 241 7.97 21.50 3.34
N LEU A 242 8.41 20.30 3.02
CA LEU A 242 9.22 19.51 3.91
C LEU A 242 10.61 20.06 4.07
N SER A 243 11.29 20.44 2.98
CA SER A 243 12.68 20.88 3.09
C SER A 243 12.83 22.22 3.78
N LYS A 244 11.85 23.11 3.62
CA LYS A 244 11.87 24.40 4.29
C LYS A 244 11.53 24.30 5.80
N ASN A 245 11.05 23.12 6.25
CA ASN A 245 10.77 22.87 7.66
C ASN A 245 11.88 22.07 8.37
N THR A 246 12.96 21.68 7.65
CA THR A 246 14.08 20.95 8.23
C THR A 246 15.32 21.85 8.40
N LYS A 247 16.22 21.50 9.37
CA LYS A 247 17.44 22.27 9.61
C LYS A 247 18.39 22.11 8.43
N ASN A 248 18.75 23.23 7.81
CA ASN A 248 19.57 23.31 6.60
C ASN A 248 20.98 22.80 6.77
N ASP A 249 21.53 22.85 7.99
CA ASP A 249 22.91 22.46 8.30
C ASP A 249 23.30 21.03 7.91
N ASN A 250 22.39 20.06 8.08
CA ASN A 250 22.66 18.66 7.76
C ASN A 250 21.65 18.02 6.76
N ASN A 251 20.83 18.86 6.11
CA ASN A 251 19.85 18.39 5.12
C ASN A 251 19.86 19.34 3.91
N PHE A 252 19.42 18.85 2.73
CA PHE A 252 19.34 19.69 1.52
C PHE A 252 18.33 20.80 1.74
N THR A 253 18.62 21.97 1.19
CA THR A 253 17.69 23.09 1.23
C THR A 253 16.74 22.94 0.01
N TYR A 254 15.66 23.78 -0.05
CA TYR A 254 14.80 23.71 -1.22
C TYR A 254 15.55 24.21 -2.44
N SER A 255 16.44 25.21 -2.30
CA SER A 255 17.20 25.70 -3.45
C SER A 255 18.07 24.59 -4.07
N GLU A 256 18.61 23.69 -3.22
CA GLU A 256 19.39 22.56 -3.68
C GLU A 256 18.54 21.55 -4.44
N TRP A 257 17.34 21.21 -3.90
CA TRP A 257 16.43 20.29 -4.58
C TRP A 257 15.97 20.85 -5.92
N GLU A 258 15.65 22.14 -5.93
CA GLU A 258 15.24 22.86 -7.12
C GLU A 258 16.32 22.84 -8.19
N SER A 259 17.61 23.03 -7.82
CA SER A 259 18.71 22.97 -8.80
C SER A 259 18.86 21.59 -9.43
N ILE A 260 18.47 20.53 -8.72
CA ILE A 260 18.50 19.15 -9.22
C ILE A 260 17.31 18.96 -10.16
N TYR A 261 16.11 19.40 -9.71
CA TYR A 261 14.84 19.33 -10.42
C TYR A 261 14.92 19.99 -11.78
N ASN A 262 15.36 21.25 -11.84
CA ASN A 262 15.43 21.96 -13.11
C ASN A 262 16.61 21.50 -14.01
N GLY A 263 17.31 20.45 -13.62
CA GLY A 263 18.38 19.88 -14.42
C GLY A 263 19.68 20.64 -14.41
N THR A 264 19.84 21.62 -13.51
CA THR A 264 21.10 22.39 -13.44
C THR A 264 22.23 21.47 -13.01
N TYR A 265 21.97 20.66 -11.99
CA TYR A 265 22.94 19.70 -11.48
C TYR A 265 22.27 18.34 -11.26
N ARG A 266 23.08 17.29 -11.23
CA ARG A 266 22.58 15.96 -10.87
C ARG A 266 22.81 15.83 -9.35
N ILE A 267 22.11 14.92 -8.69
CA ILE A 267 22.20 14.77 -7.23
C ILE A 267 23.64 14.49 -6.73
N THR A 268 24.50 13.91 -7.59
CA THR A 268 25.87 13.59 -7.22
C THR A 268 26.90 14.65 -7.63
N ASN A 269 26.51 15.63 -8.47
CA ASN A 269 27.44 16.68 -8.89
C ASN A 269 27.01 18.07 -8.38
N LEU A 270 26.22 18.12 -7.29
CA LEU A 270 25.77 19.36 -6.66
C LEU A 270 27.03 20.11 -6.17
N PRO A 271 27.17 21.40 -6.51
CA PRO A 271 28.38 22.12 -6.09
C PRO A 271 28.56 22.23 -4.59
N SER A 272 27.46 22.24 -3.84
CA SER A 272 27.45 22.31 -2.40
C SER A 272 27.52 20.95 -1.71
N LEU A 273 27.69 19.84 -2.47
CA LEU A 273 27.78 18.50 -1.90
C LEU A 273 29.03 18.43 -1.06
N GLY A 274 28.88 17.97 0.17
CA GLY A 274 29.99 17.91 1.10
C GLY A 274 29.86 18.85 2.27
N ARG A 275 28.93 19.84 2.21
CA ARG A 275 28.72 20.77 3.33
C ARG A 275 28.24 20.06 4.62
N PHE A 276 27.77 18.82 4.47
CA PHE A 276 27.47 17.87 5.52
C PHE A 276 27.93 16.49 5.00
N LYS A 277 28.41 15.63 5.91
CA LYS A 277 28.90 14.31 5.51
C LYS A 277 27.81 13.23 5.66
N PHE A 278 28.11 11.99 5.23
CA PHE A 278 27.20 10.88 5.43
C PHE A 278 27.69 10.25 6.71
N ARG A 279 26.88 10.35 7.75
CA ARG A 279 27.16 9.84 9.07
C ARG A 279 26.04 8.93 9.50
N LYS A 280 26.18 7.63 9.22
CA LYS A 280 25.21 6.58 9.56
C LYS A 280 25.09 6.39 11.08
N LYS A 281 23.86 6.38 11.56
CA LYS A 281 23.60 6.17 12.97
C LYS A 281 23.40 4.69 13.21
N ILE A 282 24.28 4.07 14.04
CA ILE A 282 24.15 2.65 14.39
C ILE A 282 23.96 2.56 15.91
N ALA A 283 22.88 1.88 16.36
CA ALA A 283 22.60 1.70 17.77
C ALA A 283 23.70 0.82 18.37
N GLU A 284 24.07 1.07 19.62
CA GLU A 284 25.16 0.32 20.27
C GLU A 284 24.92 -1.17 20.25
N LYS A 285 23.69 -1.58 20.58
CA LYS A 285 23.30 -2.98 20.60
C LYS A 285 23.48 -3.70 19.26
N SER A 286 23.53 -2.96 18.14
CA SER A 286 23.69 -3.51 16.80
C SER A 286 25.15 -3.77 16.43
N LEU A 287 26.10 -3.08 17.09
CA LEU A 287 27.51 -3.21 16.76
C LEU A 287 28.11 -4.61 17.03
N SER A 288 28.97 -5.05 16.11
CA SER A 288 29.69 -6.33 16.11
C SER A 288 30.85 -6.28 15.09
N GLY A 289 31.73 -7.28 15.08
CA GLY A 289 32.85 -7.35 14.15
C GLY A 289 33.64 -6.07 14.00
N LYS A 290 33.92 -5.65 12.77
CA LYS A 290 34.60 -4.39 12.52
C LYS A 290 33.64 -3.31 12.01
N VAL A 291 32.35 -3.41 12.39
CA VAL A 291 31.31 -2.50 11.96
C VAL A 291 31.61 -1.06 12.35
N LYS A 292 31.99 -0.81 13.63
CA LYS A 292 32.30 0.55 14.04
C LYS A 292 33.46 1.13 13.24
N GLU A 293 34.53 0.34 13.00
CA GLU A 293 35.67 0.85 12.24
C GLU A 293 35.31 1.09 10.76
N PHE A 294 34.40 0.28 10.19
CA PHE A 294 33.94 0.52 8.83
C PHE A 294 33.19 1.84 8.77
N ASN A 295 32.32 2.10 9.76
CA ASN A 295 31.57 3.35 9.81
C ASN A 295 32.51 4.54 9.88
N ASN A 296 33.61 4.41 10.61
CA ASN A 296 34.60 5.49 10.69
C ASN A 296 35.25 5.73 9.32
N ILE A 297 35.52 4.65 8.56
CA ILE A 297 36.11 4.76 7.22
C ILE A 297 35.15 5.49 6.30
N VAL A 298 33.86 5.14 6.35
CA VAL A 298 32.86 5.84 5.55
C VAL A 298 32.83 7.36 5.88
N GLN A 299 32.71 7.69 7.18
CA GLN A 299 32.65 9.07 7.64
C GLN A 299 33.93 9.87 7.36
N ARG A 300 35.03 9.19 7.04
CA ARG A 300 36.31 9.81 6.71
C ARG A 300 36.31 10.35 5.27
N TYR A 301 35.52 9.73 4.35
CA TYR A 301 35.50 10.12 2.93
C TYR A 301 34.16 10.49 2.32
N SER A 302 33.06 10.31 3.05
CA SER A 302 31.73 10.54 2.50
C SER A 302 31.28 11.97 2.44
N VAL A 303 30.37 12.25 1.50
CA VAL A 303 29.64 13.50 1.34
C VAL A 303 28.15 13.09 1.45
N GLY A 304 27.38 13.90 2.15
CA GLY A 304 25.98 13.59 2.40
C GLY A 304 25.10 13.60 1.17
N LEU A 305 24.17 12.64 1.08
CA LEU A 305 23.24 12.59 -0.03
C LEU A 305 21.84 12.90 0.52
N ALA A 306 21.35 14.17 0.34
CA ALA A 306 20.05 14.69 0.81
C ALA A 306 20.03 14.96 2.31
N SER A 307 20.48 14.01 3.13
CA SER A 307 20.54 14.15 4.59
C SER A 307 21.76 13.44 5.12
N SER A 308 22.40 14.01 6.15
CA SER A 308 23.59 13.40 6.73
C SER A 308 23.30 12.08 7.41
N ASP A 309 22.08 11.88 7.92
CA ASP A 309 21.74 10.66 8.62
C ASP A 309 20.83 9.71 7.87
N LEU A 310 20.65 9.89 6.54
CA LEU A 310 19.91 8.88 5.76
C LEU A 310 20.85 7.62 5.68
N PRO A 311 20.34 6.38 5.47
CA PRO A 311 21.27 5.23 5.43
C PRO A 311 22.16 5.12 4.20
N PHE A 312 22.37 6.22 3.47
CA PHE A 312 23.23 6.23 2.30
C PHE A 312 23.94 7.57 2.09
N GLY A 313 25.05 7.53 1.39
CA GLY A 313 25.87 8.70 1.08
C GLY A 313 26.75 8.46 -0.13
N VAL A 314 27.60 9.43 -0.47
CA VAL A 314 28.45 9.30 -1.65
C VAL A 314 29.91 9.38 -1.33
N ILE A 315 30.72 8.53 -1.98
CA ILE A 315 32.17 8.55 -1.93
C ILE A 315 32.51 9.00 -3.35
N ARG A 316 32.95 10.25 -3.52
CA ARG A 316 33.28 10.78 -4.83
C ARG A 316 34.45 10.02 -5.45
N LYS A 317 34.51 9.93 -6.80
CA LYS A 317 35.58 9.20 -7.48
C LYS A 317 36.99 9.68 -7.10
N GLU A 318 37.12 10.98 -6.77
CA GLU A 318 38.38 11.58 -6.34
C GLU A 318 38.89 11.00 -5.02
N SER A 319 37.98 10.50 -4.15
CA SER A 319 38.35 9.90 -2.87
C SER A 319 38.08 8.39 -2.79
N ARG A 320 37.58 7.77 -3.88
CA ARG A 320 37.27 6.35 -3.93
C ARG A 320 38.50 5.46 -3.70
N ASN A 321 39.66 5.79 -4.31
CA ASN A 321 40.86 4.99 -4.14
C ASN A 321 41.27 4.85 -2.67
N ASP A 322 41.28 5.96 -1.94
CA ASP A 322 41.66 5.97 -0.54
C ASP A 322 40.64 5.26 0.35
N PHE A 323 39.35 5.37 0.00
CA PHE A 323 38.30 4.68 0.75
C PHE A 323 38.49 3.17 0.57
N ILE A 324 38.65 2.71 -0.69
CA ILE A 324 38.85 1.30 -1.01
C ILE A 324 40.08 0.75 -0.33
N ASN A 325 41.18 1.52 -0.28
CA ASN A 325 42.43 1.11 0.37
C ASN A 325 42.20 0.84 1.85
N ASP A 326 41.47 1.74 2.51
CA ASP A 326 41.16 1.60 3.92
C ASP A 326 40.26 0.40 4.21
N VAL A 327 39.27 0.14 3.34
CA VAL A 327 38.37 -1.00 3.50
C VAL A 327 39.14 -2.32 3.37
N CYS A 328 40.07 -2.39 2.40
CA CYS A 328 40.91 -3.56 2.20
C CYS A 328 41.86 -3.78 3.35
N LYS A 329 42.40 -2.70 3.92
CA LYS A 329 43.29 -2.84 5.06
C LYS A 329 42.54 -3.31 6.29
N LEU A 330 41.31 -2.82 6.49
CA LEU A 330 40.46 -3.23 7.62
C LEU A 330 40.07 -4.72 7.58
N TYR A 331 39.61 -5.21 6.43
CA TYR A 331 39.14 -6.58 6.30
C TYR A 331 40.15 -7.57 5.69
N ASN A 332 41.42 -7.15 5.55
CA ASN A 332 42.50 -7.95 5.00
C ASN A 332 42.21 -8.47 3.60
N ILE A 333 41.76 -7.56 2.71
CA ILE A 333 41.52 -7.89 1.32
C ILE A 333 42.81 -7.63 0.59
N ASN A 334 43.44 -8.68 0.05
CA ASN A 334 44.73 -8.56 -0.60
C ASN A 334 44.67 -8.76 -2.11
N ASP A 335 43.74 -9.63 -2.57
CA ASP A 335 43.56 -9.97 -3.98
C ASP A 335 43.50 -8.75 -4.93
N MET A 336 44.52 -8.61 -5.79
CA MET A 336 44.66 -7.53 -6.77
C MET A 336 43.47 -7.45 -7.76
N LYS A 337 42.86 -8.58 -8.14
CA LYS A 337 41.71 -8.56 -9.04
C LYS A 337 40.50 -7.92 -8.35
N ILE A 338 40.22 -8.30 -7.09
CA ILE A 338 39.11 -7.77 -6.29
C ILE A 338 39.25 -6.26 -6.08
N ILE A 339 40.45 -5.81 -5.73
CA ILE A 339 40.73 -4.42 -5.50
C ILE A 339 40.56 -3.60 -6.78
N LYS A 340 40.95 -4.17 -7.93
CA LYS A 340 40.79 -3.49 -9.21
C LYS A 340 39.32 -3.26 -9.52
N GLU A 341 38.46 -4.24 -9.23
CA GLU A 341 37.03 -4.12 -9.45
C GLU A 341 36.43 -3.02 -8.56
N LEU A 342 36.86 -2.98 -7.31
CA LEU A 342 36.40 -1.99 -6.35
C LEU A 342 36.85 -0.58 -6.72
N LYS A 343 38.02 -0.42 -7.35
CA LYS A 343 38.57 0.90 -7.64
C LYS A 343 38.16 1.51 -8.98
N GLU A 344 37.01 1.10 -9.57
CA GLU A 344 36.56 1.69 -10.83
C GLU A 344 36.37 3.23 -10.69
N ASP A 345 36.83 4.01 -11.68
CA ASP A 345 36.77 5.47 -11.60
C ASP A 345 35.37 6.07 -11.77
N ALA A 346 34.58 6.02 -10.70
CA ALA A 346 33.23 6.57 -10.69
C ALA A 346 32.80 6.82 -9.25
N ASP A 347 31.81 7.71 -9.05
CA ASP A 347 31.27 7.97 -7.71
C ASP A 347 30.61 6.68 -7.19
N LEU A 348 30.74 6.43 -5.89
CA LEU A 348 30.21 5.23 -5.28
C LEU A 348 29.21 5.62 -4.21
N ILE A 349 28.00 5.07 -4.28
CA ILE A 349 26.99 5.36 -3.28
C ILE A 349 27.08 4.28 -2.26
N VAL A 350 27.35 4.65 -1.01
CA VAL A 350 27.46 3.66 0.06
C VAL A 350 26.18 3.62 0.83
N CYS A 351 25.58 2.46 0.93
CA CYS A 351 24.35 2.28 1.69
C CYS A 351 24.66 1.33 2.85
N MET A 352 24.34 1.72 4.07
CA MET A 352 24.61 0.89 5.24
C MET A 352 23.28 0.50 5.89
N LEU A 353 23.02 -0.80 6.01
CA LEU A 353 21.76 -1.28 6.54
C LEU A 353 22.00 -2.43 7.49
N LYS A 354 21.28 -2.47 8.61
CA LYS A 354 21.36 -3.62 9.52
C LYS A 354 20.77 -4.84 8.80
N GLY A 355 19.66 -4.64 8.11
CA GLY A 355 19.04 -5.69 7.32
C GLY A 355 18.21 -6.68 8.10
N PHE A 356 18.74 -7.15 9.24
CA PHE A 356 18.07 -8.20 9.98
C PHE A 356 17.92 -7.92 11.45
N LYS A 357 16.83 -8.44 12.04
CA LYS A 357 16.54 -8.31 13.46
C LYS A 357 17.33 -9.39 14.28
N PRO A 358 17.34 -9.35 15.64
CA PRO A 358 18.11 -10.31 16.41
C PRO A 358 17.99 -11.78 16.01
N ARG A 359 16.80 -12.24 15.59
CA ARG A 359 16.62 -13.65 15.24
C ARG A 359 17.01 -13.99 13.78
N GLY A 360 17.44 -13.01 13.01
CA GLY A 360 17.81 -13.22 11.61
C GLY A 360 16.67 -12.92 10.64
N ASP A 361 15.50 -12.51 11.14
CA ASP A 361 14.34 -12.17 10.31
C ASP A 361 14.57 -10.81 9.66
N ASP A 362 14.23 -10.69 8.36
CA ASP A 362 14.51 -9.45 7.64
C ASP A 362 13.69 -8.25 8.08
N ASN A 363 14.31 -7.05 7.97
CA ASN A 363 13.73 -5.77 8.29
C ASN A 363 12.88 -5.34 7.13
N ARG A 364 11.57 -5.19 7.32
CA ARG A 364 10.69 -4.74 6.23
C ARG A 364 11.07 -3.39 5.63
N PRO A 365 11.36 -2.35 6.43
CA PRO A 365 11.72 -1.05 5.83
C PRO A 365 12.96 -1.08 4.96
N ASP A 366 13.90 -1.97 5.26
CA ASP A 366 15.15 -2.07 4.51
C ASP A 366 14.95 -2.50 3.04
N ARG A 367 13.83 -3.15 2.75
CA ARG A 367 13.52 -3.58 1.40
C ARG A 367 13.37 -2.38 0.44
N GLY A 368 12.99 -1.21 0.95
CA GLY A 368 12.84 -0.02 0.13
C GLY A 368 14.03 0.93 0.12
N ALA A 369 15.07 0.62 0.90
CA ALA A 369 16.26 1.45 0.99
C ALA A 369 17.02 1.49 -0.35
N LEU A 370 17.39 0.34 -0.94
CA LEU A 370 18.06 0.34 -2.24
C LEU A 370 17.15 0.91 -3.33
N PRO A 371 15.86 0.53 -3.42
CA PRO A 371 14.96 1.17 -4.39
C PRO A 371 14.93 2.69 -4.25
N LEU A 372 14.99 3.22 -3.02
CA LEU A 372 14.98 4.66 -2.81
C LEU A 372 16.25 5.28 -3.42
N VAL A 373 17.41 4.63 -3.23
CA VAL A 373 18.70 5.08 -3.78
C VAL A 373 18.66 5.05 -5.30
N ALA A 374 18.10 3.97 -5.87
CA ALA A 374 17.97 3.81 -7.31
C ALA A 374 17.01 4.84 -7.90
N MET A 375 15.95 5.21 -7.17
CA MET A 375 15.01 6.22 -7.63
C MET A 375 15.66 7.59 -7.65
N LEU A 376 16.47 7.89 -6.63
CA LEU A 376 17.16 9.17 -6.50
C LEU A 376 18.34 9.35 -7.45
N ALA A 377 19.24 8.37 -7.51
CA ALA A 377 20.46 8.50 -8.31
C ALA A 377 20.57 7.62 -9.55
N GLY A 378 19.51 6.90 -9.88
CA GLY A 378 19.55 6.01 -11.04
C GLY A 378 20.03 4.62 -10.66
N GLU A 379 19.38 3.60 -11.21
CA GLU A 379 19.76 2.22 -10.95
C GLU A 379 21.14 1.88 -11.51
N ASN A 380 21.60 2.59 -12.53
CA ASN A 380 22.91 2.38 -13.12
C ASN A 380 24.08 2.86 -12.23
N ALA A 381 23.79 3.69 -11.19
CA ALA A 381 24.83 4.18 -10.28
C ALA A 381 25.48 3.04 -9.51
N GLN A 382 26.78 3.15 -9.20
CA GLN A 382 27.47 2.09 -8.48
C GLN A 382 27.12 2.13 -7.00
N ILE A 383 26.54 1.04 -6.49
CA ILE A 383 26.10 0.99 -5.10
C ILE A 383 26.87 -0.06 -4.31
N PHE A 384 27.42 0.36 -3.20
CA PHE A 384 28.16 -0.48 -2.27
C PHE A 384 27.23 -0.66 -1.08
N THR A 385 26.66 -1.86 -0.87
CA THR A 385 25.74 -2.11 0.23
C THR A 385 26.42 -2.85 1.37
N PHE A 386 26.45 -2.25 2.56
CA PHE A 386 27.06 -2.85 3.72
C PHE A 386 26.00 -3.31 4.70
N ILE A 387 25.98 -4.63 4.99
CA ILE A 387 25.04 -5.27 5.90
C ILE A 387 25.75 -5.73 7.16
N TYR A 388 25.17 -5.48 8.35
CA TYR A 388 25.81 -5.85 9.61
C TYR A 388 24.91 -6.60 10.62
N GLY A 389 23.69 -6.89 10.23
CA GLY A 389 22.75 -7.60 11.09
C GLY A 389 22.96 -9.09 11.11
N PRO A 390 22.30 -9.79 12.04
CA PRO A 390 22.53 -11.23 12.15
C PRO A 390 21.91 -12.06 11.04
N LEU A 391 22.66 -13.05 10.57
CA LEU A 391 22.19 -13.96 9.53
C LEU A 391 21.98 -15.37 10.09
N ILE A 392 20.91 -16.05 9.66
CA ILE A 392 20.70 -17.43 10.05
C ILE A 392 21.72 -18.26 9.23
N LYS A 393 22.12 -19.43 9.75
CA LYS A 393 23.10 -20.27 9.05
C LYS A 393 22.70 -20.60 7.60
N GLY A 394 21.41 -20.82 7.37
CA GLY A 394 20.90 -21.09 6.04
C GLY A 394 21.12 -19.96 5.05
N ALA A 395 21.07 -18.69 5.53
CA ALA A 395 21.26 -17.54 4.65
C ALA A 395 22.70 -17.39 4.20
N ILE A 396 23.65 -17.56 5.13
CA ILE A 396 25.06 -17.45 4.77
C ILE A 396 25.49 -18.60 3.86
N ASN A 397 24.90 -19.79 4.02
CA ASN A 397 25.17 -20.95 3.19
C ASN A 397 24.74 -20.68 1.76
N LEU A 398 23.55 -20.07 1.58
CA LEU A 398 23.04 -19.73 0.26
C LEU A 398 23.85 -18.62 -0.39
N ILE A 399 24.42 -17.70 0.41
CA ILE A 399 25.27 -16.65 -0.12
C ILE A 399 26.54 -17.29 -0.73
N ASP A 400 27.11 -18.30 -0.06
CA ASP A 400 28.31 -18.97 -0.55
C ASP A 400 28.02 -20.07 -1.61
N GLN A 401 26.76 -20.43 -1.81
CA GLN A 401 26.38 -21.46 -2.76
C GLN A 401 25.79 -20.85 -4.07
N ASP A 402 24.76 -20.00 -3.94
CA ASP A 402 24.03 -19.41 -5.05
C ASP A 402 23.26 -18.23 -4.49
N ILE A 403 23.81 -17.00 -4.60
CA ILE A 403 23.17 -15.83 -4.03
C ILE A 403 21.79 -15.56 -4.67
N ASN A 404 21.60 -15.90 -5.95
CA ASN A 404 20.31 -15.69 -6.62
C ASN A 404 19.19 -16.58 -6.09
N LYS A 405 19.56 -17.75 -5.53
CA LYS A 405 18.59 -18.65 -4.94
C LYS A 405 18.04 -18.02 -3.64
N LEU A 406 18.91 -17.32 -2.88
CA LEU A 406 18.53 -16.61 -1.66
C LEU A 406 17.64 -15.42 -2.04
N ALA A 407 18.04 -14.66 -3.06
CA ALA A 407 17.28 -13.52 -3.56
C ALA A 407 15.87 -13.95 -4.00
N LYS A 408 15.74 -15.18 -4.52
CA LYS A 408 14.46 -15.71 -4.96
C LYS A 408 13.49 -15.95 -3.80
N ARG A 409 14.00 -16.43 -2.64
CA ARG A 409 13.12 -16.70 -1.49
C ARG A 409 12.81 -15.52 -0.59
N ASN A 410 13.71 -14.55 -0.49
CA ASN A 410 13.52 -13.45 0.43
C ASN A 410 13.53 -12.11 -0.29
N GLY A 411 12.48 -11.32 -0.06
CA GLY A 411 12.30 -10.00 -0.66
C GLY A 411 13.38 -8.98 -0.34
N LEU A 412 13.97 -9.06 0.85
CA LEU A 412 15.05 -8.16 1.21
C LEU A 412 16.31 -8.53 0.45
N TRP A 413 16.62 -9.84 0.37
CA TRP A 413 17.78 -10.28 -0.40
C TRP A 413 17.60 -9.98 -1.87
N LYS A 414 16.36 -10.08 -2.39
CA LYS A 414 16.01 -9.74 -3.77
C LYS A 414 16.39 -8.28 -4.05
N SER A 415 16.08 -7.38 -3.11
CA SER A 415 16.37 -5.96 -3.19
C SER A 415 17.87 -5.72 -3.24
N PHE A 416 18.63 -6.39 -2.36
CA PHE A 416 20.08 -6.28 -2.27
C PHE A 416 20.81 -6.79 -3.52
N VAL A 417 20.44 -7.98 -3.98
CA VAL A 417 21.10 -8.59 -5.12
C VAL A 417 20.80 -7.85 -6.42
N SER A 418 19.61 -7.27 -6.53
CA SER A 418 19.20 -6.58 -7.75
C SER A 418 19.81 -5.20 -7.90
N LEU A 419 20.10 -4.49 -6.79
CA LEU A 419 20.57 -3.11 -6.90
C LEU A 419 21.99 -2.81 -6.43
N SER A 420 22.67 -3.75 -5.80
CA SER A 420 24.05 -3.51 -5.35
C SER A 420 25.08 -3.96 -6.36
N ASP A 421 26.08 -3.14 -6.61
CA ASP A 421 27.23 -3.54 -7.41
C ASP A 421 28.22 -4.32 -6.51
N PHE A 422 28.29 -3.99 -5.20
CA PHE A 422 29.13 -4.67 -4.23
C PHE A 422 28.31 -4.91 -2.98
N ILE A 423 28.34 -6.12 -2.45
CA ILE A 423 27.62 -6.43 -1.22
C ILE A 423 28.66 -6.79 -0.19
N VAL A 424 28.74 -6.04 0.89
CA VAL A 424 29.68 -6.32 1.95
C VAL A 424 28.95 -6.71 3.19
N LEU A 425 29.27 -7.88 3.74
CA LEU A 425 28.63 -8.36 4.95
C LEU A 425 29.64 -8.39 6.03
N ASP A 426 29.28 -7.93 7.21
CA ASP A 426 30.11 -8.07 8.42
C ASP A 426 29.06 -8.42 9.43
N CYS A 427 28.61 -9.67 9.38
CA CYS A 427 27.45 -10.15 10.11
C CYS A 427 27.70 -11.22 11.12
N PRO A 428 27.03 -11.13 12.29
CA PRO A 428 27.01 -12.27 13.20
C PRO A 428 26.19 -13.41 12.56
N ILE A 429 26.54 -14.66 12.82
CA ILE A 429 25.77 -15.80 12.30
C ILE A 429 25.11 -16.46 13.50
N ILE A 430 23.77 -16.59 13.49
CA ILE A 430 23.07 -17.18 14.64
C ILE A 430 23.57 -18.60 14.93
N GLY A 431 24.03 -18.83 16.15
CA GLY A 431 24.61 -20.12 16.51
C GLY A 431 26.13 -20.16 16.42
N GLU A 432 26.76 -19.08 15.92
CA GLU A 432 28.20 -18.96 15.81
C GLU A 432 28.75 -17.86 16.71
N SER A 433 30.01 -18.00 17.12
CA SER A 433 30.65 -17.08 18.06
C SER A 433 31.10 -15.75 17.46
N TYR A 434 31.46 -15.72 16.18
CA TYR A 434 32.00 -14.51 15.57
C TYR A 434 31.31 -14.14 14.24
N ASN A 435 31.64 -12.97 13.69
CA ASN A 435 31.07 -12.52 12.44
C ASN A 435 31.66 -13.21 11.19
N GLU A 436 30.90 -13.17 10.09
CA GLU A 436 31.33 -13.66 8.80
C GLU A 436 31.51 -12.43 7.95
N PHE A 437 32.64 -12.33 7.24
CA PHE A 437 32.85 -11.20 6.33
C PHE A 437 32.77 -11.71 4.92
N ARG A 438 32.04 -10.97 4.07
CA ARG A 438 31.95 -11.28 2.65
C ARG A 438 32.06 -9.99 1.86
N LEU A 439 32.81 -10.03 0.77
CA LEU A 439 32.86 -8.94 -0.17
C LEU A 439 32.41 -9.59 -1.48
N ILE A 440 31.20 -9.23 -1.93
CA ILE A 440 30.63 -9.84 -3.13
C ILE A 440 30.70 -8.85 -4.25
N ILE A 441 31.42 -9.18 -5.31
CA ILE A 441 31.48 -8.31 -6.48
C ILE A 441 30.28 -8.74 -7.31
N ASN A 442 29.16 -8.04 -7.14
CA ASN A 442 27.89 -8.37 -7.77
C ASN A 442 27.60 -7.63 -9.07
N LYS A 443 28.59 -6.90 -9.63
CA LYS A 443 28.42 -6.09 -10.84
C LYS A 443 27.75 -6.80 -12.02
N ASN A 444 28.29 -7.96 -12.44
CA ASN A 444 27.72 -8.68 -13.57
C ASN A 444 26.31 -9.16 -13.31
N ASN A 445 26.05 -9.57 -12.07
CA ASN A 445 24.76 -10.09 -11.67
C ASN A 445 23.72 -9.00 -11.63
N LYS A 446 24.09 -7.83 -11.13
CA LYS A 446 23.18 -6.68 -11.09
C LYS A 446 22.80 -6.26 -12.53
N GLU A 447 23.80 -6.21 -13.43
CA GLU A 447 23.60 -5.84 -14.82
C GLU A 447 22.60 -6.79 -15.50
N SER A 448 22.73 -8.10 -15.21
CA SER A 448 21.84 -9.11 -15.77
C SER A 448 20.44 -8.99 -15.19
N ILE A 449 20.33 -8.73 -13.88
CA ILE A 449 19.03 -8.60 -13.24
C ILE A 449 18.26 -7.39 -13.78
N LEU A 450 18.95 -6.28 -14.07
CA LEU A 450 18.30 -5.10 -14.63
C LEU A 450 17.78 -5.30 -16.08
N ARG A 451 18.16 -6.41 -16.74
CA ARG A 451 17.66 -6.77 -18.06
C ARG A 451 16.61 -7.90 -17.98
N LYS A 452 16.49 -8.57 -16.83
CA LYS A 452 15.56 -9.69 -16.66
C LYS A 452 14.09 -9.29 -16.76
N THR A 453 13.36 -9.96 -17.64
CA THR A 453 11.92 -9.78 -17.84
C THR A 453 11.28 -11.17 -17.93
N SER A 454 10.05 -11.30 -17.44
CA SER A 454 9.34 -12.58 -17.51
C SER A 454 8.80 -12.82 -18.94
N LYS A 455 8.43 -14.07 -19.25
CA LYS A 455 7.93 -14.54 -20.54
C LYS A 455 6.86 -13.62 -21.09
N GLN A 456 7.08 -13.10 -22.31
CA GLN A 456 6.13 -12.21 -22.98
C GLN A 456 4.93 -13.01 -23.41
N GLN A 457 3.75 -12.59 -22.98
CA GLN A 457 2.50 -13.27 -23.33
C GLN A 457 1.32 -12.35 -23.10
N ASN A 458 0.31 -12.46 -23.96
CA ASN A 458 -0.91 -11.68 -23.79
C ASN A 458 -1.66 -12.25 -22.61
N ILE A 459 -2.24 -11.39 -21.78
CA ILE A 459 -2.97 -11.87 -20.62
C ILE A 459 -4.40 -11.42 -20.66
N LEU A 460 -5.31 -12.33 -20.38
CA LEU A 460 -6.72 -12.04 -20.29
C LEU A 460 -7.13 -12.87 -19.11
N VAL A 461 -7.25 -12.24 -17.94
CA VAL A 461 -7.58 -12.97 -16.72
C VAL A 461 -9.00 -13.49 -16.79
N ASP A 462 -9.18 -14.82 -16.71
CA ASP A 462 -10.51 -15.42 -16.78
C ASP A 462 -11.31 -15.01 -15.55
N PRO A 463 -12.56 -14.53 -15.77
CA PRO A 463 -13.38 -14.04 -14.64
C PRO A 463 -13.77 -15.10 -13.61
N THR A 464 -13.58 -16.39 -13.92
CA THR A 464 -13.87 -17.48 -12.99
C THR A 464 -12.55 -18.03 -12.40
N PRO A 465 -12.40 -17.94 -11.08
CA PRO A 465 -11.14 -18.40 -10.44
C PRO A 465 -11.09 -19.92 -10.22
N ASN A 466 -9.93 -20.40 -9.72
CA ASN A 466 -9.65 -21.79 -9.40
C ASN A 466 -10.70 -22.28 -8.40
N HIS A 467 -10.92 -21.48 -7.34
CA HIS A 467 -11.90 -21.75 -6.30
C HIS A 467 -12.34 -20.45 -5.61
N TYR A 468 -13.51 -20.48 -4.98
CA TYR A 468 -14.07 -19.33 -4.30
C TYR A 468 -13.65 -19.32 -2.84
N GLN A 469 -13.13 -18.17 -2.37
CA GLN A 469 -12.63 -18.08 -0.99
C GLN A 469 -13.00 -16.74 -0.29
N GLU A 470 -12.28 -16.33 0.77
CA GLU A 470 -12.52 -15.10 1.53
C GLU A 470 -12.81 -13.87 0.68
N ASN A 471 -12.04 -13.66 -0.41
CA ASN A 471 -12.23 -12.52 -1.31
C ASN A 471 -13.60 -12.49 -1.89
N ASP A 472 -14.10 -13.65 -2.31
CA ASP A 472 -15.41 -13.77 -2.92
C ASP A 472 -16.53 -13.56 -1.90
N VAL A 473 -16.32 -14.03 -0.66
CA VAL A 473 -17.28 -13.81 0.43
C VAL A 473 -17.38 -12.31 0.70
N ASP A 474 -16.22 -11.65 0.77
CA ASP A 474 -16.10 -10.22 0.98
C ASP A 474 -16.79 -9.42 -0.14
N THR A 475 -16.57 -9.81 -1.40
CA THR A 475 -17.17 -9.15 -2.57
C THR A 475 -18.69 -9.23 -2.48
N VAL A 476 -19.22 -10.41 -2.17
CA VAL A 476 -20.65 -10.64 -2.04
C VAL A 476 -21.23 -9.84 -0.86
N ILE A 477 -20.58 -9.87 0.30
CA ILE A 477 -21.05 -9.13 1.46
C ILE A 477 -21.08 -7.61 1.18
N TYR A 478 -20.03 -7.10 0.56
CA TYR A 478 -19.94 -5.69 0.23
C TYR A 478 -21.01 -5.31 -0.78
N SER A 479 -21.22 -6.12 -1.83
CA SER A 479 -22.23 -5.83 -2.84
C SER A 479 -23.65 -5.78 -2.29
N ILE A 480 -24.00 -6.73 -1.42
CA ILE A 480 -25.33 -6.80 -0.82
C ILE A 480 -25.61 -5.62 0.11
N PHE A 481 -24.71 -5.36 1.06
CA PHE A 481 -24.91 -4.34 2.07
C PHE A 481 -24.58 -2.93 1.63
N LYS A 482 -23.78 -2.77 0.58
CA LYS A 482 -23.41 -1.44 0.12
C LYS A 482 -24.20 -0.98 -1.11
N TYR A 483 -24.68 -1.92 -1.96
CA TYR A 483 -25.38 -1.53 -3.18
C TYR A 483 -26.82 -2.01 -3.29
N ILE A 484 -27.11 -3.26 -2.95
CA ILE A 484 -28.46 -3.79 -3.08
C ILE A 484 -29.40 -3.28 -1.98
N VAL A 485 -29.06 -3.52 -0.71
CA VAL A 485 -29.87 -3.13 0.43
C VAL A 485 -29.83 -1.62 0.69
N PRO A 486 -30.96 -0.93 0.52
CA PRO A 486 -30.99 0.52 0.76
C PRO A 486 -31.27 0.89 2.22
N ASN A 494 -27.11 5.99 1.70
CA ASN A 494 -26.59 7.22 2.28
C ASN A 494 -25.48 7.04 3.36
N PRO A 495 -25.58 6.11 4.36
CA PRO A 495 -24.49 6.02 5.36
C PRO A 495 -23.24 5.31 4.84
N PRO A 496 -22.05 5.82 5.21
CA PRO A 496 -20.81 5.19 4.74
C PRO A 496 -20.47 3.90 5.47
N GLY A 497 -20.83 3.81 6.75
CA GLY A 497 -20.52 2.63 7.56
C GLY A 497 -19.05 2.59 7.91
N GLY A 498 -18.49 1.40 7.97
CA GLY A 498 -17.08 1.24 8.28
C GLY A 498 -16.37 0.10 7.59
N ASP A 499 -15.04 0.09 7.73
CA ASP A 499 -14.11 -0.94 7.21
C ASP A 499 -12.77 -0.86 8.02
N TRP A 500 -11.66 -1.42 7.48
CA TRP A 500 -10.37 -1.36 8.17
C TRP A 500 -9.79 0.04 8.25
N SER A 501 -10.20 0.95 7.33
CA SER A 501 -9.71 2.34 7.26
C SER A 501 -10.40 3.33 8.22
N GLY A 502 -11.56 2.97 8.72
CA GLY A 502 -12.29 3.82 9.63
C GLY A 502 -13.76 3.49 9.78
N LEU A 503 -14.37 3.98 10.85
CA LEU A 503 -15.80 3.77 11.10
C LEU A 503 -16.55 5.11 11.10
N SER A 504 -17.56 5.21 10.25
CA SER A 504 -18.40 6.39 10.20
C SER A 504 -19.79 6.05 10.71
N ILE A 505 -20.34 6.93 11.55
CA ILE A 505 -21.68 6.81 12.11
C ILE A 505 -22.42 8.12 11.78
N ILE A 506 -23.58 8.05 11.11
CA ILE A 506 -24.32 9.27 10.78
C ILE A 506 -25.63 9.40 11.54
N ASP A 507 -26.12 10.64 11.67
CA ASP A 507 -27.43 10.93 12.25
C ASP A 507 -28.19 11.90 11.28
N ASN A 508 -29.11 12.75 11.76
CA ASN A 508 -29.84 13.66 10.86
C ASN A 508 -29.07 14.95 10.54
N VAL A 509 -27.96 15.23 11.25
CA VAL A 509 -27.19 16.44 11.01
C VAL A 509 -25.69 16.17 10.76
N HIS A 510 -25.09 15.23 11.51
CA HIS A 510 -23.65 14.94 11.46
C HIS A 510 -23.22 13.53 11.03
N GLU A 511 -21.94 13.42 10.64
CA GLU A 511 -21.25 12.19 10.37
C GLU A 511 -20.05 12.20 11.33
N PHE A 512 -19.93 11.19 12.19
CA PHE A 512 -18.84 11.04 13.17
C PHE A 512 -17.92 9.93 12.63
N ARG A 513 -16.60 10.12 12.70
CA ARG A 513 -15.68 9.14 12.15
C ARG A 513 -14.47 8.85 13.05
N TRP A 514 -14.20 7.56 13.27
CA TRP A 514 -13.06 7.10 14.06
C TRP A 514 -12.01 6.65 13.08
N LEU A 515 -10.84 7.26 13.10
CA LEU A 515 -9.75 6.93 12.19
C LEU A 515 -8.65 6.15 12.92
N SER A 516 -7.73 5.55 12.16
CA SER A 516 -6.61 4.78 12.69
C SER A 516 -7.08 3.63 13.57
N LEU A 517 -7.90 2.74 12.98
CA LEU A 517 -8.45 1.61 13.73
C LEU A 517 -7.44 0.48 13.97
N PRO A 518 -7.13 0.16 15.24
CA PRO A 518 -6.23 -0.98 15.49
C PRO A 518 -6.85 -2.33 15.08
N ARG A 519 -6.02 -3.31 14.79
CA ARG A 519 -6.47 -4.65 14.39
C ARG A 519 -7.28 -5.31 15.52
N VAL A 520 -6.88 -5.08 16.77
CA VAL A 520 -7.57 -5.58 17.96
C VAL A 520 -7.55 -4.56 19.11
N SER A 521 -8.47 -4.72 20.06
CA SER A 521 -8.54 -4.02 21.33
C SER A 521 -8.43 -5.11 22.43
N GLU A 522 -8.48 -4.76 23.73
CA GLU A 522 -8.37 -5.76 24.81
C GLU A 522 -9.38 -6.91 24.67
N ASN A 523 -10.63 -6.56 24.36
CA ASN A 523 -11.69 -7.55 24.22
C ASN A 523 -12.32 -7.63 22.82
N GLY A 524 -11.87 -6.79 21.89
CA GLY A 524 -12.45 -6.77 20.55
C GLY A 524 -11.53 -7.05 19.39
N LYS A 525 -12.14 -7.29 18.24
CA LYS A 525 -11.50 -7.55 16.96
C LYS A 525 -12.13 -6.60 15.92
N ARG A 526 -11.29 -5.93 15.13
CA ARG A 526 -11.76 -4.99 14.11
C ARG A 526 -12.59 -5.69 13.03
N PRO A 527 -13.86 -5.28 12.85
CA PRO A 527 -14.69 -5.94 11.83
C PRO A 527 -14.22 -5.68 10.41
N ASP A 528 -14.58 -6.58 9.49
CA ASP A 528 -14.25 -6.39 8.09
C ASP A 528 -15.10 -5.23 7.56
N HIS A 529 -16.40 -5.24 7.91
CA HIS A 529 -17.35 -4.22 7.49
C HIS A 529 -18.32 -3.89 8.61
N VAL A 530 -18.74 -2.65 8.69
CA VAL A 530 -19.76 -2.21 9.63
C VAL A 530 -20.82 -1.55 8.78
N ILE A 531 -22.05 -2.02 8.90
CA ILE A 531 -23.15 -1.51 8.08
C ILE A 531 -24.13 -0.74 8.94
N GLN A 532 -24.52 0.48 8.52
CA GLN A 532 -25.48 1.23 9.28
C GLN A 532 -26.82 1.18 8.61
N ILE A 533 -27.85 0.79 9.36
CA ILE A 533 -29.23 0.73 8.87
C ILE A 533 -30.09 1.63 9.76
N LEU A 534 -30.67 2.69 9.19
CA LEU A 534 -31.42 3.65 9.99
C LEU A 534 -32.93 3.50 9.92
N ASP A 535 -33.45 2.88 8.85
CA ASP A 535 -34.89 2.74 8.69
C ASP A 535 -35.42 1.33 9.01
N LEU A 536 -34.89 0.69 10.05
CA LEU A 536 -35.35 -0.63 10.45
C LEU A 536 -35.92 -0.58 11.86
N PHE A 537 -35.11 -0.15 12.84
CA PHE A 537 -35.53 0.00 14.22
C PHE A 537 -35.61 1.49 14.58
N GLU A 538 -36.20 1.84 15.75
CA GLU A 538 -36.24 3.25 16.17
C GLU A 538 -34.81 3.81 16.38
N LYS A 539 -33.87 2.94 16.80
CA LYS A 539 -32.46 3.28 16.94
C LYS A 539 -31.70 2.79 15.70
N PRO A 540 -30.61 3.47 15.29
CA PRO A 540 -29.84 2.98 14.15
C PRO A 540 -29.15 1.65 14.47
N LEU A 541 -29.06 0.77 13.48
CA LEU A 541 -28.41 -0.53 13.65
C LEU A 541 -27.00 -0.46 13.08
N LEU A 542 -26.05 -1.03 13.81
CA LEU A 542 -24.69 -1.13 13.34
C LEU A 542 -24.42 -2.63 13.28
N LEU A 543 -24.24 -3.15 12.07
CA LEU A 543 -24.00 -4.58 11.86
C LEU A 543 -22.51 -4.82 11.54
N SER A 544 -21.77 -5.42 12.47
CA SER A 544 -20.36 -5.72 12.26
C SER A 544 -20.19 -7.11 11.64
N ILE A 545 -19.50 -7.19 10.51
CA ILE A 545 -19.35 -8.44 9.77
C ILE A 545 -17.91 -8.89 9.61
N VAL A 546 -17.70 -10.19 9.74
CA VAL A 546 -16.41 -10.81 9.47
C VAL A 546 -16.64 -11.87 8.38
N SER A 547 -15.75 -11.91 7.39
CA SER A 547 -15.87 -12.87 6.30
C SER A 547 -14.70 -13.84 6.32
N LYS A 548 -15.00 -15.12 6.15
CA LYS A 548 -14.02 -16.19 6.11
C LYS A 548 -14.35 -17.15 4.95
N GLU A 549 -13.40 -18.01 4.57
CA GLU A 549 -13.60 -18.96 3.49
C GLU A 549 -14.54 -20.09 3.95
N LYS A 550 -14.26 -20.69 5.11
CA LYS A 550 -15.04 -21.78 5.67
C LYS A 550 -15.67 -21.39 7.02
N PRO A 551 -16.79 -22.03 7.41
CA PRO A 551 -17.40 -21.68 8.69
C PRO A 551 -16.52 -21.98 9.90
N ASN A 552 -15.66 -22.99 9.82
CA ASN A 552 -14.75 -23.31 10.92
C ASN A 552 -13.57 -22.32 11.04
N ASP A 553 -13.39 -21.42 10.07
CA ASP A 553 -12.37 -20.38 10.13
C ASP A 553 -12.79 -19.23 11.08
N LEU A 554 -14.11 -19.14 11.40
CA LEU A 554 -14.64 -18.14 12.32
C LEU A 554 -14.17 -18.52 13.72
N GLU A 555 -13.20 -17.78 14.25
CA GLU A 555 -12.58 -18.02 15.55
C GLU A 555 -13.55 -17.97 16.73
N PRO A 556 -13.25 -18.67 17.84
CA PRO A 556 -14.14 -18.62 19.01
C PRO A 556 -14.40 -17.20 19.50
N LYS A 557 -15.67 -16.92 19.81
CA LYS A 557 -16.15 -15.64 20.30
C LYS A 557 -15.95 -14.47 19.32
N ILE A 558 -15.78 -14.74 18.00
CA ILE A 558 -15.55 -13.67 17.01
C ILE A 558 -16.73 -12.69 16.96
N GLY A 559 -17.95 -13.20 17.09
CA GLY A 559 -19.16 -12.38 17.10
C GLY A 559 -19.18 -11.42 18.28
N VAL A 560 -18.85 -11.94 19.47
CA VAL A 560 -18.79 -11.13 20.68
C VAL A 560 -17.65 -10.10 20.58
N GLN A 561 -16.49 -10.49 20.03
CA GLN A 561 -15.35 -9.62 19.86
C GLN A 561 -15.64 -8.46 18.89
N LEU A 562 -16.47 -8.70 17.86
CA LEU A 562 -16.82 -7.62 16.93
C LEU A 562 -17.62 -6.55 17.62
N ILE A 563 -18.57 -6.95 18.50
CA ILE A 563 -19.39 -6.00 19.25
C ILE A 563 -18.53 -5.25 20.24
N LYS A 564 -17.65 -5.98 20.95
CA LYS A 564 -16.74 -5.38 21.92
C LYS A 564 -15.75 -4.38 21.28
N TYR A 565 -15.47 -4.54 19.99
CA TYR A 565 -14.62 -3.61 19.27
C TYR A 565 -15.36 -2.30 19.06
N ILE A 566 -16.64 -2.37 18.66
CA ILE A 566 -17.45 -1.16 18.49
C ILE A 566 -17.64 -0.47 19.85
N GLU A 567 -17.80 -1.28 20.93
CA GLU A 567 -17.90 -0.77 22.30
C GLU A 567 -16.62 -0.02 22.69
N TYR A 568 -15.44 -0.49 22.21
CA TYR A 568 -14.13 0.14 22.47
C TYR A 568 -14.08 1.51 21.83
N LEU A 569 -14.55 1.63 20.58
CA LEU A 569 -14.56 2.92 19.89
C LEU A 569 -15.54 3.88 20.56
N PHE A 570 -16.70 3.38 21.03
CA PHE A 570 -17.71 4.16 21.74
C PHE A 570 -17.19 4.72 23.07
N ASP A 571 -16.14 4.11 23.66
CA ASP A 571 -15.48 4.61 24.88
C ASP A 571 -14.67 5.90 24.61
N PHE A 572 -14.47 6.27 23.33
CA PHE A 572 -13.70 7.45 22.99
C PHE A 572 -14.48 8.41 22.09
N THR A 573 -14.12 9.71 22.16
CA THR A 573 -14.70 10.74 21.32
C THR A 573 -14.20 10.47 19.89
N PRO A 574 -15.12 10.46 18.90
CA PRO A 574 -14.69 10.23 17.50
C PRO A 574 -13.51 11.09 17.06
N SER A 575 -12.66 10.58 16.16
CA SER A 575 -11.50 11.34 15.70
C SER A 575 -11.93 12.63 15.01
N VAL A 576 -12.91 12.55 14.11
CA VAL A 576 -13.42 13.68 13.35
C VAL A 576 -14.96 13.65 13.22
N GLN A 577 -15.55 14.77 12.83
CA GLN A 577 -16.97 14.90 12.59
C GLN A 577 -17.24 16.04 11.59
N ARG A 578 -18.39 15.99 10.92
CA ARG A 578 -18.76 17.03 9.97
C ARG A 578 -20.28 17.10 9.84
N LYS A 579 -20.80 18.27 9.46
CA LYS A 579 -22.23 18.41 9.22
C LYS A 579 -22.45 17.86 7.82
N ILE A 580 -23.35 16.88 7.65
CA ILE A 580 -23.62 16.28 6.35
C ILE A 580 -24.15 17.35 5.37
N ALA A 581 -24.92 18.32 5.87
CA ALA A 581 -25.50 19.37 5.05
C ALA A 581 -24.46 20.42 4.67
N GLY A 582 -23.58 20.76 5.61
CA GLY A 582 -22.56 21.76 5.35
C GLY A 582 -21.30 21.14 4.75
N GLY A 583 -20.33 20.87 5.60
CA GLY A 583 -19.09 20.27 5.16
C GLY A 583 -17.92 20.62 6.02
N ASN A 584 -16.72 20.25 5.54
CA ASN A 584 -15.44 20.44 6.21
C ASN A 584 -15.38 19.63 7.49
N TRP A 585 -14.44 18.70 7.52
CA TRP A 585 -14.23 17.84 8.67
C TRP A 585 -13.59 18.65 9.78
N GLU A 586 -14.10 18.51 10.99
CA GLU A 586 -13.57 19.15 12.19
C GLU A 586 -13.16 18.03 13.17
N PHE A 587 -12.35 18.36 14.20
CA PHE A 587 -11.99 17.36 15.20
C PHE A 587 -13.25 16.98 15.99
N GLY A 588 -13.30 15.76 16.50
CA GLY A 588 -14.44 15.26 17.27
C GLY A 588 -14.71 16.11 18.49
N ASN A 589 -15.95 16.52 18.67
CA ASN A 589 -16.32 17.41 19.75
C ASN A 589 -17.11 16.69 20.84
N LYS A 590 -18.12 15.92 20.45
CA LYS A 590 -19.01 15.20 21.38
C LYS A 590 -18.84 13.68 21.30
N SER A 591 -18.99 13.00 22.45
CA SER A 591 -18.88 11.53 22.56
C SER A 591 -20.20 10.87 22.18
N LEU A 592 -20.13 9.70 21.55
CA LEU A 592 -21.34 8.95 21.18
C LEU A 592 -21.70 7.94 22.28
N VAL A 593 -22.98 7.59 22.38
CA VAL A 593 -23.45 6.66 23.41
C VAL A 593 -23.93 5.34 22.82
N PRO A 594 -23.42 4.19 23.33
CA PRO A 594 -23.83 2.89 22.77
C PRO A 594 -25.33 2.56 22.87
N ASN A 595 -26.05 3.05 23.90
CA ASN A 595 -27.50 2.80 23.98
C ASN A 595 -28.30 3.47 22.84
N ASP A 596 -27.72 4.49 22.19
CA ASP A 596 -28.36 5.12 21.04
C ASP A 596 -28.43 4.16 19.83
N PHE A 597 -27.73 2.99 19.86
CA PHE A 597 -27.63 2.08 18.74
C PHE A 597 -27.93 0.64 19.09
N ILE A 598 -28.34 -0.13 18.06
CA ILE A 598 -28.55 -1.57 18.12
C ILE A 598 -27.29 -2.19 17.52
N LEU A 599 -26.52 -2.99 18.27
CA LEU A 599 -25.31 -3.58 17.73
C LEU A 599 -25.50 -5.07 17.45
N LEU A 600 -25.22 -5.51 16.22
CA LEU A 600 -25.31 -6.93 15.85
C LEU A 600 -24.03 -7.38 15.18
N SER A 601 -23.73 -8.67 15.25
CA SER A 601 -22.53 -9.21 14.62
C SER A 601 -22.91 -10.31 13.64
N ALA A 602 -22.12 -10.47 12.57
CA ALA A 602 -22.41 -11.48 11.56
C ALA A 602 -21.16 -12.15 11.05
N GLY A 603 -21.28 -13.42 10.75
CA GLY A 603 -20.18 -14.19 10.20
C GLY A 603 -20.56 -14.74 8.85
N ALA A 604 -19.78 -14.43 7.82
CA ALA A 604 -20.08 -14.89 6.47
C ALA A 604 -19.02 -15.84 5.98
N PHE A 605 -19.44 -16.87 5.26
CA PHE A 605 -18.53 -17.91 4.78
C PHE A 605 -19.11 -18.66 3.61
N ILE A 606 -18.29 -19.51 2.96
CA ILE A 606 -18.77 -20.34 1.88
C ILE A 606 -19.08 -21.73 2.43
N ASP A 607 -20.30 -22.24 2.15
CA ASP A 607 -20.70 -23.58 2.57
C ASP A 607 -21.49 -24.27 1.48
N TYR A 608 -21.02 -25.45 1.06
CA TYR A 608 -21.73 -26.21 0.03
C TYR A 608 -22.70 -27.25 0.60
N ASP A 609 -23.68 -26.76 1.37
CA ASP A 609 -24.74 -27.54 2.01
C ASP A 609 -24.25 -28.66 2.93
N ASN A 610 -23.05 -28.51 3.50
CA ASN A 610 -22.52 -29.52 4.43
C ASN A 610 -22.80 -29.19 5.92
N LEU A 611 -23.66 -28.17 6.20
CA LEU A 611 -24.03 -27.77 7.56
C LEU A 611 -25.47 -28.17 7.90
N THR A 612 -25.63 -28.93 8.98
CA THR A 612 -26.92 -29.39 9.49
C THR A 612 -27.45 -28.39 10.56
N GLU A 613 -28.67 -28.62 11.13
CA GLU A 613 -29.24 -27.78 12.19
C GLU A 613 -28.30 -27.74 13.38
N ASN A 614 -27.71 -28.90 13.75
CA ASN A 614 -26.78 -29.04 14.85
C ASN A 614 -25.49 -28.27 14.59
N ASP A 615 -25.01 -28.31 13.33
CA ASP A 615 -23.80 -27.61 12.94
C ASP A 615 -23.99 -26.11 13.09
N TYR A 616 -25.13 -25.58 12.64
CA TYR A 616 -25.43 -24.15 12.79
C TYR A 616 -25.51 -23.77 14.25
N GLU A 617 -26.12 -24.63 15.09
CA GLU A 617 -26.23 -24.41 16.52
C GLU A 617 -24.84 -24.38 17.18
N LYS A 618 -23.90 -25.21 16.68
CA LYS A 618 -22.54 -25.24 17.20
C LYS A 618 -21.73 -24.02 16.76
N ILE A 619 -21.93 -23.55 15.51
CA ILE A 619 -21.24 -22.35 15.04
C ILE A 619 -21.69 -21.14 15.88
N PHE A 620 -22.99 -21.03 16.15
CA PHE A 620 -23.51 -19.94 16.98
C PHE A 620 -22.94 -20.01 18.39
N GLU A 621 -22.82 -21.22 18.95
CA GLU A 621 -22.29 -21.39 20.30
C GLU A 621 -20.81 -21.01 20.34
N VAL A 622 -20.05 -21.36 19.31
CA VAL A 622 -18.62 -21.08 19.23
C VAL A 622 -18.32 -19.59 18.97
N THR A 623 -18.95 -19.00 17.96
CA THR A 623 -18.70 -17.62 17.56
C THR A 623 -19.47 -16.55 18.32
N GLY A 624 -20.72 -16.83 18.64
CA GLY A 624 -21.58 -15.86 19.30
C GLY A 624 -22.23 -14.87 18.35
N CYS A 625 -22.11 -15.10 17.03
CA CYS A 625 -22.67 -14.22 16.02
C CYS A 625 -24.18 -14.12 16.11
N ASP A 626 -24.74 -12.96 15.79
CA ASP A 626 -26.19 -12.81 15.75
C ASP A 626 -26.76 -13.30 14.41
N LEU A 627 -25.95 -13.28 13.35
CA LEU A 627 -26.38 -13.71 12.03
C LEU A 627 -25.27 -14.48 11.32
N LEU A 628 -25.61 -15.55 10.60
CA LEU A 628 -24.63 -16.30 9.82
C LEU A 628 -25.06 -16.21 8.38
N ILE A 629 -24.15 -15.87 7.49
CA ILE A 629 -24.48 -15.76 6.08
C ILE A 629 -23.74 -16.83 5.33
N ALA A 630 -24.44 -17.92 5.02
CA ALA A 630 -23.85 -19.03 4.29
C ALA A 630 -24.02 -18.75 2.83
N ILE A 631 -22.91 -18.61 2.14
CA ILE A 631 -22.86 -18.31 0.73
C ILE A 631 -22.39 -19.51 -0.08
N LYS A 632 -23.05 -19.80 -1.21
CA LYS A 632 -22.60 -20.88 -2.08
C LYS A 632 -22.87 -20.53 -3.50
N ASN A 633 -21.93 -20.86 -4.39
CA ASN A 633 -22.12 -20.53 -5.80
C ASN A 633 -22.77 -21.67 -6.54
N GLN A 634 -23.60 -21.31 -7.48
CA GLN A 634 -24.27 -22.21 -8.40
C GLN A 634 -23.59 -21.92 -9.74
N ASN A 635 -23.13 -22.96 -10.44
CA ASN A 635 -22.38 -22.77 -11.67
C ASN A 635 -23.24 -22.64 -12.92
N ASN A 636 -24.36 -23.36 -12.97
CA ASN A 636 -25.26 -23.27 -14.13
C ASN A 636 -26.72 -23.10 -13.74
N PRO A 637 -27.28 -21.89 -13.90
CA PRO A 637 -26.60 -20.64 -14.33
C PRO A 637 -25.84 -19.99 -13.17
N GLN A 638 -24.79 -19.20 -13.46
CA GLN A 638 -23.99 -18.57 -12.39
C GLN A 638 -24.87 -17.72 -11.46
N LYS A 639 -24.95 -18.12 -10.19
CA LYS A 639 -25.76 -17.42 -9.18
C LYS A 639 -25.15 -17.60 -7.79
N TRP A 640 -25.30 -16.59 -6.93
CA TRP A 640 -24.84 -16.70 -5.56
C TRP A 640 -26.06 -17.03 -4.72
N VAL A 641 -26.11 -18.21 -4.14
CA VAL A 641 -27.21 -18.61 -3.29
C VAL A 641 -26.88 -18.20 -1.86
N ILE A 642 -27.70 -17.30 -1.30
CA ILE A 642 -27.46 -16.77 0.03
C ILE A 642 -28.47 -17.32 1.03
N LYS A 643 -27.95 -17.92 2.12
CA LYS A 643 -28.79 -18.45 3.18
C LYS A 643 -28.47 -17.68 4.47
N PHE A 644 -29.44 -16.91 4.96
CA PHE A 644 -29.29 -16.11 6.17
C PHE A 644 -29.82 -16.86 7.37
N LYS A 645 -28.96 -17.19 8.32
CA LYS A 645 -29.36 -17.89 9.52
C LYS A 645 -29.30 -16.97 10.73
N PRO A 646 -30.43 -16.45 11.20
CA PRO A 646 -30.41 -15.59 12.39
C PRO A 646 -30.33 -16.38 13.70
N LYS A 647 -29.61 -15.87 14.70
CA LYS A 647 -29.52 -16.54 16.00
C LYS A 647 -30.69 -16.15 16.91
N ASN A 648 -31.16 -14.91 16.78
CA ASN A 648 -32.24 -14.40 17.61
C ASN A 648 -33.29 -13.62 16.80
N THR A 649 -34.31 -13.10 17.49
CA THR A 649 -35.43 -12.32 16.95
C THR A 649 -35.03 -10.99 16.31
N ILE A 650 -34.02 -10.30 16.86
CA ILE A 650 -33.55 -9.03 16.29
C ILE A 650 -32.91 -9.30 14.94
N ALA A 651 -32.05 -10.31 14.87
CA ALA A 651 -31.42 -10.69 13.61
C ALA A 651 -32.45 -11.16 12.60
N GLU A 652 -33.55 -11.80 13.03
CA GLU A 652 -34.60 -12.22 12.12
C GLU A 652 -35.30 -11.00 11.49
N LYS A 653 -35.46 -9.91 12.25
CA LYS A 653 -36.04 -8.68 11.70
C LYS A 653 -35.12 -8.08 10.63
N LEU A 654 -33.79 -8.21 10.82
CA LEU A 654 -32.80 -7.75 9.85
C LEU A 654 -32.90 -8.61 8.58
N VAL A 655 -33.03 -9.94 8.73
CA VAL A 655 -33.18 -10.86 7.61
C VAL A 655 -34.40 -10.48 6.76
N ASN A 656 -35.53 -10.16 7.41
CA ASN A 656 -36.76 -9.73 6.73
C ASN A 656 -36.55 -8.41 5.99
N TYR A 657 -35.77 -7.49 6.60
CA TYR A 657 -35.43 -6.20 6.01
C TYR A 657 -34.60 -6.40 4.74
N ILE A 658 -33.61 -7.32 4.79
CA ILE A 658 -32.74 -7.62 3.65
C ILE A 658 -33.56 -8.26 2.53
N LYS A 659 -34.43 -9.23 2.86
CA LYS A 659 -35.27 -9.89 1.88
C LYS A 659 -36.23 -8.91 1.19
N LEU A 660 -36.86 -8.03 1.97
CA LEU A 660 -37.78 -7.03 1.45
C LEU A 660 -37.07 -6.00 0.58
N ASN A 661 -35.85 -5.61 0.99
CA ASN A 661 -35.07 -4.63 0.26
C ASN A 661 -34.07 -5.22 -0.74
N PHE A 662 -34.24 -6.50 -1.12
CA PHE A 662 -33.35 -7.12 -2.10
C PHE A 662 -33.87 -6.77 -3.50
N LYS A 663 -34.00 -5.48 -3.75
CA LYS A 663 -34.51 -4.89 -4.96
C LYS A 663 -33.68 -3.63 -5.24
N SER A 664 -33.38 -3.38 -6.52
CA SER A 664 -32.58 -2.22 -6.88
C SER A 664 -32.83 -1.79 -8.30
N ASN A 665 -32.79 -0.49 -8.52
CA ASN A 665 -32.91 0.10 -9.85
C ASN A 665 -31.53 0.09 -10.57
N ILE A 666 -30.43 0.02 -9.81
CA ILE A 666 -29.07 0.06 -10.31
C ILE A 666 -28.41 -1.32 -10.34
N PHE A 667 -28.47 -2.06 -9.23
CA PHE A 667 -27.88 -3.38 -9.16
C PHE A 667 -28.76 -4.47 -9.70
N ASP A 668 -28.17 -5.37 -10.50
CA ASP A 668 -28.84 -6.52 -11.09
C ASP A 668 -28.96 -7.58 -10.03
N THR A 669 -30.10 -7.63 -9.33
CA THR A 669 -30.31 -8.63 -8.30
C THR A 669 -30.52 -10.07 -8.84
N GLY A 670 -30.63 -10.20 -10.17
CA GLY A 670 -30.81 -11.47 -10.87
C GLY A 670 -29.68 -12.46 -10.72
N PHE A 671 -28.51 -11.97 -10.29
CA PHE A 671 -27.36 -12.85 -10.05
C PHE A 671 -27.41 -13.52 -8.65
N PHE A 672 -28.41 -13.20 -7.82
CA PHE A 672 -28.54 -13.75 -6.48
C PHE A 672 -29.84 -14.50 -6.29
N HIS A 673 -29.80 -15.51 -5.41
CA HIS A 673 -30.98 -16.25 -5.03
C HIS A 673 -30.94 -16.32 -3.53
N ILE A 674 -31.86 -15.61 -2.87
CA ILE A 674 -31.90 -15.64 -1.42
C ILE A 674 -32.91 -16.69 -0.97
N GLU A 675 -32.40 -17.82 -0.47
CA GLU A 675 -33.21 -18.96 -0.01
C GLU A 675 -34.15 -18.52 1.13
N GLY A 676 -33.61 -17.70 2.04
CA GLY A 676 -34.32 -17.16 3.19
C GLY A 676 -33.41 -16.47 4.17
#